data_5I4M
#
_entry.id   5I4M
#
_cell.length_a   47.460
_cell.length_b   124.230
_cell.length_c   77.040
_cell.angle_alpha   90.000
_cell.angle_beta   101.940
_cell.angle_gamma   90.000
#
_symmetry.space_group_name_H-M   'P 1 21 1'
#
loop_
_entity.id
_entity.type
_entity.pdbx_description
1 polymer 'Amidase, hydantoinase/carbamoylase family'
2 non-polymer 'ZINC ION'
3 non-polymer '3-PHOSPHOGLYCERIC ACID'
4 water water
#
_entity_poly.entity_id   1
_entity_poly.type   'polypeptide(L)'
_entity_poly.pdbx_seq_one_letter_code
;MAHHHHHHMDAVSETAKRAALDTSIKVDGRRLWDSLMEVAKIGATPKGGVCRLALTDLDKAARDLIVGWAKAAGCTVTVD
TMGNVFMRRAGRVADAAPVVTGSHADSQPTGGRFDGIYGVLGGLEVIRSLNDHGIETEHPVEVVIWTNEEGSRFAPAMVA
SGVFAGVFPLEYGLSRKDVDGKTIGEELARIGYAGDAPCGGRKLHAAFELHIEQGPILEAE(OCS)KTIGVVTDAQGQRW
YEITFTGQEAHAGPTPMPRRRDALLGASRVVDLVNRIGLDHAPYGCATVGMMQVHPNSRNVIPGRVFFTVDFRHPDDAVL
AKMDAALRDGVARIAADIGLDTALEQIFYYAPIAFDSACVAAVRAAADRFGYSHRDIVSGAGHDACYLAQVAPTSMVFVP
CIDGISHNEIEDATPAWIEAGANVLLHAMLSRACEPVS
;
_entity_poly.pdbx_strand_id   A,B
#
# COMPACT_ATOMS: atom_id res chain seq x y z
N ALA A 20 -17.85 -19.72 -49.86
CA ALA A 20 -18.04 -19.58 -48.42
C ALA A 20 -16.92 -20.28 -47.66
N LEU A 21 -16.16 -21.11 -48.37
CA LEU A 21 -15.00 -21.79 -47.81
C LEU A 21 -13.71 -21.40 -48.51
N ASP A 22 -13.73 -20.38 -49.37
CA ASP A 22 -12.54 -19.87 -50.02
C ASP A 22 -11.59 -19.29 -48.98
N THR A 23 -10.46 -19.96 -48.74
CA THR A 23 -9.51 -19.56 -47.73
C THR A 23 -8.25 -18.93 -48.33
N SER A 24 -8.26 -18.63 -49.63
CA SER A 24 -7.07 -18.07 -50.28
C SER A 24 -6.72 -16.69 -49.73
N ILE A 25 -7.71 -15.96 -49.22
CA ILE A 25 -7.47 -14.67 -48.59
C ILE A 25 -7.24 -14.94 -47.10
N LYS A 26 -6.00 -14.86 -46.66
CA LYS A 26 -5.67 -15.21 -45.29
C LYS A 26 -4.49 -14.38 -44.81
N VAL A 27 -4.31 -14.34 -43.49
CA VAL A 27 -3.29 -13.48 -42.92
C VAL A 27 -1.92 -14.14 -43.06
N ASP A 28 -0.88 -13.33 -42.88
CA ASP A 28 0.50 -13.80 -42.75
C ASP A 28 0.73 -14.02 -41.25
N GLY A 29 0.60 -15.27 -40.81
CA GLY A 29 0.65 -15.55 -39.38
C GLY A 29 1.98 -15.23 -38.74
N ARG A 30 3.08 -15.49 -39.45
CA ARG A 30 4.39 -15.19 -38.90
C ARG A 30 4.60 -13.69 -38.79
N ARG A 31 4.17 -12.93 -39.80
CA ARG A 31 4.30 -11.48 -39.72
C ARG A 31 3.56 -10.93 -38.51
N LEU A 32 2.35 -11.43 -38.25
CA LEU A 32 1.59 -11.00 -37.08
C LEU A 32 2.29 -11.41 -35.78
N TRP A 33 2.70 -12.68 -35.69
CA TRP A 33 3.39 -13.15 -34.49
C TRP A 33 4.65 -12.34 -34.22
N ASP A 34 5.46 -12.10 -35.25
CA ASP A 34 6.68 -11.32 -35.05
C ASP A 34 6.35 -9.90 -34.62
N SER A 35 5.25 -9.32 -35.11
CA SER A 35 4.91 -7.99 -34.65
C SER A 35 4.53 -8.02 -33.17
N LEU A 36 3.90 -9.10 -32.70
CA LEU A 36 3.61 -9.23 -31.28
C LEU A 36 4.89 -9.35 -30.46
N MET A 37 5.85 -10.14 -30.94
CA MET A 37 7.10 -10.27 -30.22
C MET A 37 7.86 -8.95 -30.20
N GLU A 38 7.74 -8.16 -31.27
CA GLU A 38 8.46 -6.89 -31.34
C GLU A 38 7.86 -5.88 -30.36
N VAL A 39 6.55 -5.72 -30.36
CA VAL A 39 5.94 -4.78 -29.41
C VAL A 39 6.08 -5.26 -27.97
N ALA A 40 6.19 -6.58 -27.76
CA ALA A 40 6.38 -7.10 -26.40
C ALA A 40 7.68 -6.59 -25.77
N LYS A 41 8.65 -6.13 -26.56
CA LYS A 41 9.87 -5.57 -25.98
C LYS A 41 9.63 -4.26 -25.26
N ILE A 42 8.56 -3.55 -25.59
CA ILE A 42 8.31 -2.21 -25.07
C ILE A 42 7.66 -2.36 -23.70
N GLY A 43 8.48 -2.21 -22.65
CA GLY A 43 8.03 -2.51 -21.30
C GLY A 43 8.21 -3.95 -20.88
N ALA A 44 9.06 -4.70 -21.57
CA ALA A 44 9.24 -6.11 -21.21
C ALA A 44 9.69 -6.25 -19.76
N THR A 45 9.15 -7.25 -19.07
CA THR A 45 9.51 -7.48 -17.68
C THR A 45 10.38 -8.72 -17.57
N PRO A 46 11.14 -8.85 -16.47
CA PRO A 46 11.98 -10.06 -16.30
C PRO A 46 11.21 -11.36 -16.39
N LYS A 47 9.95 -11.40 -15.93
CA LYS A 47 9.16 -12.64 -16.01
C LYS A 47 8.58 -12.88 -17.39
N GLY A 48 8.87 -12.01 -18.36
CA GLY A 48 8.41 -12.21 -19.73
C GLY A 48 7.06 -11.61 -20.04
N GLY A 49 6.58 -10.68 -19.22
CA GLY A 49 5.37 -9.93 -19.48
C GLY A 49 5.66 -8.51 -19.90
N VAL A 50 4.66 -7.66 -19.70
CA VAL A 50 4.71 -6.27 -20.16
C VAL A 50 4.17 -5.38 -19.05
N CYS A 51 4.94 -4.37 -18.68
CA CYS A 51 4.52 -3.34 -17.74
C CYS A 51 4.52 -2.02 -18.52
N ARG A 52 3.38 -1.70 -19.14
CA ARG A 52 3.28 -0.58 -20.06
C ARG A 52 2.00 0.16 -19.72
N LEU A 53 2.02 0.87 -18.60
CA LEU A 53 0.81 1.55 -18.16
C LEU A 53 0.44 2.67 -19.13
N ALA A 54 -0.86 2.95 -19.20
CA ALA A 54 -1.37 3.94 -20.13
C ALA A 54 -0.70 5.29 -19.94
N LEU A 55 -0.35 5.93 -21.06
CA LEU A 55 0.16 7.30 -21.12
C LEU A 55 1.49 7.47 -20.41
N THR A 56 2.22 6.38 -20.18
CA THR A 56 3.64 6.47 -19.84
C THR A 56 4.47 6.64 -21.12
N ASP A 57 5.77 6.90 -20.96
CA ASP A 57 6.63 6.93 -22.13
C ASP A 57 6.64 5.60 -22.88
N LEU A 58 6.44 4.48 -22.16
CA LEU A 58 6.40 3.19 -22.83
C LEU A 58 5.14 3.05 -23.68
N ASP A 59 4.00 3.49 -23.15
CA ASP A 59 2.77 3.53 -23.95
C ASP A 59 2.97 4.41 -25.18
N LYS A 60 3.62 5.56 -25.01
CA LYS A 60 3.94 6.45 -26.12
C LYS A 60 4.74 5.74 -27.19
N ALA A 61 5.75 4.96 -26.80
CA ALA A 61 6.61 4.30 -27.78
C ALA A 61 5.84 3.23 -28.56
N ALA A 62 4.97 2.48 -27.89
CA ALA A 62 4.18 1.49 -28.62
C ALA A 62 3.26 2.16 -29.63
N ARG A 63 2.59 3.25 -29.22
CA ARG A 63 1.78 4.04 -30.15
C ARG A 63 2.61 4.53 -31.33
N ASP A 64 3.74 5.19 -31.05
CA ASP A 64 4.58 5.71 -32.12
C ASP A 64 4.96 4.60 -33.11
N LEU A 65 5.34 3.44 -32.58
CA LEU A 65 5.84 2.36 -33.43
C LEU A 65 4.74 1.87 -34.36
N ILE A 66 3.56 1.64 -33.80
CA ILE A 66 2.45 1.10 -34.57
C ILE A 66 1.95 2.14 -35.58
N VAL A 67 1.85 3.40 -35.17
CA VAL A 67 1.50 4.46 -36.13
C VAL A 67 2.45 4.46 -37.31
N GLY A 68 3.76 4.33 -37.04
CA GLY A 68 4.72 4.26 -38.14
C GLY A 68 4.47 3.08 -39.08
N TRP A 69 4.18 1.91 -38.50
CA TRP A 69 3.86 0.74 -39.33
C TRP A 69 2.61 0.97 -40.15
N ALA A 70 1.57 1.55 -39.53
CA ALA A 70 0.33 1.78 -40.26
C ALA A 70 0.55 2.73 -41.43
N LYS A 71 1.31 3.80 -41.20
CA LYS A 71 1.58 4.73 -42.30
C LYS A 71 2.32 4.03 -43.43
N ALA A 72 3.27 3.15 -43.08
CA ALA A 72 4.00 2.41 -44.10
C ALA A 72 3.08 1.47 -44.85
N ALA A 73 1.97 1.06 -44.25
CA ALA A 73 0.99 0.23 -44.93
C ALA A 73 -0.08 1.07 -45.63
N GLY A 74 0.18 2.36 -45.84
CA GLY A 74 -0.73 3.21 -46.60
C GLY A 74 -1.89 3.80 -45.82
N CYS A 75 -1.83 3.79 -44.49
CA CYS A 75 -2.90 4.37 -43.68
C CYS A 75 -2.68 5.86 -43.45
N THR A 76 -3.79 6.59 -43.38
CA THR A 76 -3.80 7.95 -42.87
C THR A 76 -4.20 7.90 -41.40
N VAL A 77 -3.60 8.76 -40.59
CA VAL A 77 -3.70 8.65 -39.15
C VAL A 77 -4.28 9.94 -38.58
N THR A 78 -5.23 9.81 -37.67
CA THR A 78 -5.77 10.92 -36.89
C THR A 78 -5.76 10.50 -35.43
N VAL A 79 -5.75 11.50 -34.54
CA VAL A 79 -5.73 11.29 -33.11
C VAL A 79 -6.79 12.20 -32.51
N ASP A 80 -7.68 11.65 -31.69
CA ASP A 80 -8.76 12.49 -31.17
C ASP A 80 -8.36 13.08 -29.81
N THR A 81 -9.30 13.81 -29.21
CA THR A 81 -9.04 14.55 -27.96
C THR A 81 -8.83 13.64 -26.75
N MET A 82 -9.18 12.36 -26.83
CA MET A 82 -8.86 11.40 -25.79
C MET A 82 -7.62 10.58 -26.13
N GLY A 83 -6.92 10.95 -27.19
CA GLY A 83 -5.73 10.21 -27.57
C GLY A 83 -5.97 8.92 -28.32
N ASN A 84 -7.21 8.62 -28.67
CA ASN A 84 -7.49 7.45 -29.49
C ASN A 84 -6.86 7.66 -30.87
N VAL A 85 -6.27 6.61 -31.41
CA VAL A 85 -5.51 6.69 -32.66
C VAL A 85 -6.27 5.92 -33.73
N PHE A 86 -6.59 6.59 -34.85
CA PHE A 86 -7.37 6.02 -35.94
C PHE A 86 -6.48 5.87 -37.17
N MET A 87 -6.21 4.64 -37.56
CA MET A 87 -5.39 4.33 -38.70
C MET A 87 -6.31 3.80 -39.81
N ARG A 88 -6.45 4.59 -40.88
CA ARG A 88 -7.52 4.41 -41.85
C ARG A 88 -6.98 3.94 -43.19
N ARG A 89 -7.55 2.86 -43.71
CA ARG A 89 -7.28 2.40 -45.08
C ARG A 89 -8.49 2.76 -45.95
N ALA A 90 -8.27 3.63 -46.92
CA ALA A 90 -9.36 4.14 -47.75
C ALA A 90 -10.14 3.00 -48.40
N GLY A 91 -11.45 3.22 -48.57
CA GLY A 91 -12.28 2.34 -49.36
C GLY A 91 -12.59 2.95 -50.72
N ARG A 92 -13.39 2.21 -51.50
CA ARG A 92 -13.79 2.71 -52.82
C ARG A 92 -14.68 3.94 -52.68
N VAL A 93 -15.53 3.98 -51.66
CA VAL A 93 -16.47 5.08 -51.46
C VAL A 93 -15.87 6.00 -50.41
N ALA A 94 -15.50 7.21 -50.85
CA ALA A 94 -14.68 8.08 -50.01
C ALA A 94 -15.37 8.43 -48.70
N ASP A 95 -16.68 8.70 -48.74
CA ASP A 95 -17.36 9.16 -47.54
C ASP A 95 -18.15 8.05 -46.85
N ALA A 96 -17.88 6.79 -47.20
CA ALA A 96 -18.60 5.70 -46.55
C ALA A 96 -18.16 5.57 -45.10
N ALA A 97 -19.08 5.14 -44.26
CA ALA A 97 -18.75 4.88 -42.86
C ALA A 97 -17.79 3.71 -42.77
N PRO A 98 -16.81 3.76 -41.86
CA PRO A 98 -15.78 2.73 -41.83
C PRO A 98 -16.23 1.48 -41.07
N VAL A 99 -15.62 0.36 -41.44
CA VAL A 99 -15.63 -0.83 -40.60
C VAL A 99 -14.36 -0.79 -39.76
N VAL A 100 -14.52 -0.78 -38.45
CA VAL A 100 -13.36 -0.52 -37.60
C VAL A 100 -13.04 -1.76 -36.78
N THR A 101 -11.77 -1.87 -36.43
CA THR A 101 -11.31 -2.88 -35.48
C THR A 101 -10.27 -2.21 -34.59
N GLY A 102 -9.85 -2.92 -33.57
CA GLY A 102 -8.84 -2.34 -32.72
C GLY A 102 -9.06 -2.69 -31.27
N SER A 103 -8.18 -2.16 -30.43
CA SER A 103 -8.13 -2.57 -29.03
C SER A 103 -7.24 -1.58 -28.30
N HIS A 104 -6.49 -2.04 -27.30
CA HIS A 104 -5.66 -1.15 -26.51
C HIS A 104 -4.22 -1.61 -26.52
N ALA A 105 -3.31 -0.66 -26.47
CA ALA A 105 -1.89 -0.97 -26.35
C ALA A 105 -1.37 -0.87 -24.92
N ASP A 106 -2.12 -0.27 -24.02
CA ASP A 106 -1.68 -0.16 -22.63
C ASP A 106 -1.90 -1.49 -21.91
N SER A 107 -1.17 -1.67 -20.81
CA SER A 107 -1.24 -2.93 -20.07
C SER A 107 -1.38 -2.67 -18.58
N GLN A 108 -1.61 -3.76 -17.87
CA GLN A 108 -1.51 -3.80 -16.43
C GLN A 108 -0.03 -3.78 -16.02
N PRO A 109 0.25 -3.46 -14.75
CA PRO A 109 1.63 -3.59 -14.26
C PRO A 109 2.15 -5.01 -14.35
N THR A 110 1.29 -5.99 -14.12
CA THR A 110 1.60 -7.41 -14.34
C THR A 110 0.98 -7.87 -15.65
N GLY A 111 1.18 -7.10 -16.71
CA GLY A 111 0.49 -7.38 -17.94
C GLY A 111 1.13 -8.48 -18.77
N GLY A 112 0.33 -9.04 -19.66
CA GLY A 112 0.80 -10.05 -20.58
C GLY A 112 1.09 -9.46 -21.94
N ARG A 113 1.67 -10.30 -22.80
CA ARG A 113 2.06 -9.89 -24.14
C ARG A 113 0.92 -9.90 -25.14
N PHE A 114 -0.30 -10.24 -24.73
CA PHE A 114 -1.39 -10.40 -25.69
C PHE A 114 -2.63 -9.57 -25.39
N ASP A 115 -2.93 -9.33 -24.11
CA ASP A 115 -4.14 -8.59 -23.75
C ASP A 115 -4.11 -7.23 -24.43
N GLY A 116 -5.14 -6.94 -25.22
CA GLY A 116 -5.21 -5.69 -25.95
C GLY A 116 -4.33 -5.58 -27.18
N ILE A 117 -3.03 -5.79 -27.03
CA ILE A 117 -2.13 -5.53 -28.16
C ILE A 117 -2.41 -6.49 -29.31
N TYR A 118 -2.87 -7.71 -29.02
CA TYR A 118 -3.22 -8.64 -30.09
C TYR A 118 -4.30 -8.05 -31.00
N GLY A 119 -5.32 -7.42 -30.42
CA GLY A 119 -6.38 -6.85 -31.25
C GLY A 119 -5.90 -5.69 -32.11
N VAL A 120 -4.97 -4.89 -31.58
CA VAL A 120 -4.41 -3.81 -32.38
C VAL A 120 -3.57 -4.38 -33.51
N LEU A 121 -2.64 -5.28 -33.19
CA LEU A 121 -1.75 -5.81 -34.20
C LEU A 121 -2.48 -6.76 -35.16
N GLY A 122 -3.51 -7.45 -34.67
CA GLY A 122 -4.37 -8.19 -35.58
C GLY A 122 -5.04 -7.28 -36.60
N GLY A 123 -5.47 -6.10 -36.17
CA GLY A 123 -6.01 -5.14 -37.11
C GLY A 123 -4.98 -4.69 -38.13
N LEU A 124 -3.77 -4.37 -37.67
CA LEU A 124 -2.70 -3.99 -38.59
C LEU A 124 -2.44 -5.10 -39.60
N GLU A 125 -2.47 -6.36 -39.15
CA GLU A 125 -2.26 -7.49 -40.06
C GLU A 125 -3.39 -7.61 -41.08
N VAL A 126 -4.63 -7.26 -40.69
CA VAL A 126 -5.72 -7.21 -41.66
C VAL A 126 -5.42 -6.19 -42.75
N ILE A 127 -4.96 -5.01 -42.35
CA ILE A 127 -4.60 -3.97 -43.32
CA ILE A 127 -4.63 -3.99 -43.34
C ILE A 127 -3.52 -4.49 -44.28
N ARG A 128 -2.46 -5.07 -43.71
CA ARG A 128 -1.37 -5.56 -44.55
C ARG A 128 -1.84 -6.67 -45.47
N SER A 129 -2.74 -7.52 -44.98
CA SER A 129 -3.23 -8.63 -45.79
C SER A 129 -4.13 -8.14 -46.92
N LEU A 130 -4.93 -7.11 -46.66
CA LEU A 130 -5.70 -6.50 -47.75
C LEU A 130 -4.76 -5.92 -48.79
N ASN A 131 -3.65 -5.33 -48.37
CA ASN A 131 -2.67 -4.83 -49.34
C ASN A 131 -2.05 -5.99 -50.10
N ASP A 132 -1.61 -7.04 -49.38
CA ASP A 132 -0.96 -8.17 -50.03
C ASP A 132 -1.83 -8.77 -51.13
N HIS A 133 -3.13 -8.86 -50.89
CA HIS A 133 -4.04 -9.48 -51.84
C HIS A 133 -4.68 -8.48 -52.79
N GLY A 134 -4.30 -7.21 -52.70
CA GLY A 134 -4.81 -6.21 -53.63
C GLY A 134 -6.31 -6.02 -53.53
N ILE A 135 -6.85 -6.12 -52.33
CA ILE A 135 -8.29 -6.07 -52.13
C ILE A 135 -8.72 -4.62 -51.91
N GLU A 136 -9.68 -4.18 -52.71
CA GLU A 136 -10.37 -2.92 -52.50
C GLU A 136 -11.68 -3.18 -51.78
N THR A 137 -11.92 -2.48 -50.69
CA THR A 137 -13.16 -2.57 -49.95
C THR A 137 -14.09 -1.41 -50.31
N GLU A 138 -15.40 -1.63 -50.13
CA GLU A 138 -16.37 -0.57 -50.39
C GLU A 138 -16.30 0.49 -49.29
N HIS A 139 -16.41 0.06 -48.05
CA HIS A 139 -16.23 0.93 -46.91
C HIS A 139 -14.75 1.06 -46.56
N PRO A 140 -14.31 2.22 -46.08
CA PRO A 140 -12.97 2.29 -45.51
C PRO A 140 -12.86 1.36 -44.31
N VAL A 141 -11.64 0.97 -44.00
CA VAL A 141 -11.33 0.11 -42.87
C VAL A 141 -10.40 0.87 -41.94
N GLU A 142 -10.63 0.78 -40.64
CA GLU A 142 -9.78 1.47 -39.69
C GLU A 142 -9.33 0.53 -38.58
N VAL A 143 -8.10 0.74 -38.11
CA VAL A 143 -7.59 0.11 -36.88
CA VAL A 143 -7.63 0.10 -36.87
C VAL A 143 -7.44 1.20 -35.84
N VAL A 144 -7.91 0.96 -34.62
CA VAL A 144 -7.94 1.96 -33.57
C VAL A 144 -7.11 1.49 -32.38
N ILE A 145 -6.34 2.41 -31.80
CA ILE A 145 -5.83 2.24 -30.44
C ILE A 145 -6.68 3.11 -29.52
N TRP A 146 -7.35 2.46 -28.55
CA TRP A 146 -8.15 3.20 -27.58
C TRP A 146 -7.32 3.49 -26.33
N THR A 147 -7.47 4.71 -25.82
CA THR A 147 -6.64 5.18 -24.70
C THR A 147 -7.05 4.59 -23.36
N ASN A 148 -6.05 4.20 -22.56
CA ASN A 148 -6.22 3.85 -21.14
C ASN A 148 -7.34 2.83 -20.93
N GLU A 149 -7.36 1.79 -21.75
CA GLU A 149 -8.48 0.87 -21.65
C GLU A 149 -8.48 0.13 -20.31
N GLU A 150 -7.31 -0.11 -19.71
CA GLU A 150 -7.25 -1.01 -18.56
C GLU A 150 -7.90 -0.41 -17.32
N GLY A 151 -7.92 0.92 -17.22
CA GLY A 151 -8.45 1.54 -16.02
C GLY A 151 -7.66 1.30 -14.76
N SER A 152 -6.36 1.01 -14.89
CA SER A 152 -5.51 0.72 -13.73
C SER A 152 -4.78 1.96 -13.23
N ARG A 153 -4.07 2.67 -14.12
CA ARG A 153 -3.35 3.87 -13.70
C ARG A 153 -4.30 5.03 -13.46
N PHE A 154 -5.25 5.22 -14.38
CA PHE A 154 -6.37 6.13 -14.19
C PHE A 154 -7.62 5.27 -14.25
N ALA A 155 -8.53 5.47 -13.31
CA ALA A 155 -9.72 4.65 -13.30
C ALA A 155 -10.95 5.48 -13.69
N PRO A 156 -11.99 4.86 -14.24
CA PRO A 156 -12.14 3.43 -14.48
C PRO A 156 -11.66 3.01 -15.86
N ALA A 157 -12.01 1.79 -16.24
CA ALA A 157 -11.64 1.23 -17.53
C ALA A 157 -12.46 1.84 -18.66
N MET A 158 -11.93 1.70 -19.88
CA MET A 158 -12.69 1.91 -21.11
C MET A 158 -13.21 3.35 -21.24
N VAL A 159 -12.55 4.32 -20.60
CA VAL A 159 -13.15 5.64 -20.55
C VAL A 159 -13.06 6.33 -21.91
N ALA A 160 -12.00 6.07 -22.67
CA ALA A 160 -11.83 6.77 -23.94
C ALA A 160 -12.82 6.29 -24.99
N SER A 161 -13.08 4.97 -25.04
CA SER A 161 -14.16 4.51 -25.91
C SER A 161 -15.52 4.90 -25.34
N GLY A 162 -15.62 5.02 -24.01
CA GLY A 162 -16.85 5.56 -23.43
C GLY A 162 -17.13 6.99 -23.86
N VAL A 163 -16.10 7.83 -23.93
CA VAL A 163 -16.30 9.18 -24.46
C VAL A 163 -16.73 9.11 -25.92
N PHE A 164 -16.02 8.28 -26.70
CA PHE A 164 -16.34 8.12 -28.11
C PHE A 164 -17.80 7.75 -28.31
N ALA A 165 -18.29 6.81 -27.51
CA ALA A 165 -19.64 6.30 -27.64
C ALA A 165 -20.69 7.22 -27.03
N GLY A 166 -20.31 8.35 -26.43
CA GLY A 166 -21.30 9.25 -25.88
C GLY A 166 -21.75 8.89 -24.48
N VAL A 167 -21.06 7.97 -23.82
CA VAL A 167 -21.43 7.56 -22.46
C VAL A 167 -20.92 8.58 -21.45
N PHE A 168 -19.71 9.10 -21.65
CA PHE A 168 -19.05 10.06 -20.78
C PHE A 168 -18.72 11.34 -21.55
N PRO A 169 -18.82 12.51 -20.92
CA PRO A 169 -18.35 13.73 -21.59
C PRO A 169 -16.83 13.78 -21.63
N LEU A 170 -16.31 14.45 -22.66
CA LEU A 170 -14.86 14.57 -22.80
C LEU A 170 -14.21 15.07 -21.51
N GLU A 171 -14.81 16.07 -20.86
CA GLU A 171 -14.17 16.66 -19.70
C GLU A 171 -14.02 15.65 -18.56
N TYR A 172 -14.90 14.64 -18.52
CA TYR A 172 -14.75 13.55 -17.55
C TYR A 172 -13.56 12.68 -17.89
N GLY A 173 -13.43 12.29 -19.16
CA GLY A 173 -12.30 11.46 -19.56
C GLY A 173 -10.97 12.13 -19.30
N LEU A 174 -10.88 13.43 -19.55
CA LEU A 174 -9.61 14.14 -19.41
C LEU A 174 -9.22 14.38 -17.95
N SER A 175 -10.17 14.35 -17.03
CA SER A 175 -9.90 14.67 -15.63
C SER A 175 -9.64 13.45 -14.74
N ARG A 176 -9.70 12.23 -15.27
CA ARG A 176 -9.34 11.07 -14.46
C ARG A 176 -7.88 11.15 -14.04
N LYS A 177 -7.59 10.77 -12.80
CA LYS A 177 -6.28 11.04 -12.19
C LYS A 177 -5.57 9.75 -11.79
N ASP A 178 -4.23 9.79 -11.80
CA ASP A 178 -3.48 8.65 -11.29
C ASP A 178 -3.16 8.89 -9.80
N VAL A 179 -2.39 7.97 -9.21
CA VAL A 179 -2.15 8.07 -7.77
C VAL A 179 -1.34 9.29 -7.41
N ASP A 180 -0.66 9.92 -8.38
CA ASP A 180 0.10 11.14 -8.13
C ASP A 180 -0.68 12.39 -8.51
N GLY A 181 -1.96 12.26 -8.88
CA GLY A 181 -2.73 13.42 -9.24
C GLY A 181 -2.58 13.89 -10.67
N LYS A 182 -1.86 13.16 -11.51
CA LYS A 182 -1.75 13.53 -12.92
CA LYS A 182 -1.74 13.52 -12.92
C LYS A 182 -3.00 13.11 -13.68
N THR A 183 -3.50 13.99 -14.53
CA THR A 183 -4.72 13.70 -15.26
C THR A 183 -4.42 13.06 -16.61
N ILE A 184 -5.43 12.37 -17.15
CA ILE A 184 -5.31 11.84 -18.50
C ILE A 184 -4.98 12.96 -19.49
N GLY A 185 -5.65 14.10 -19.35
CA GLY A 185 -5.41 15.21 -20.26
C GLY A 185 -3.98 15.74 -20.19
N GLU A 186 -3.43 15.85 -18.99
CA GLU A 186 -2.05 16.29 -18.87
C GLU A 186 -1.09 15.29 -19.50
N GLU A 187 -1.32 14.00 -19.25
CA GLU A 187 -0.39 12.99 -19.75
C GLU A 187 -0.52 12.80 -21.26
N LEU A 188 -1.73 12.96 -21.81
CA LEU A 188 -1.87 12.99 -23.26
C LEU A 188 -1.01 14.10 -23.88
N ALA A 189 -1.10 15.31 -23.33
CA ALA A 189 -0.26 16.39 -23.83
C ALA A 189 1.22 16.07 -23.66
N ARG A 190 1.58 15.42 -22.54
CA ARG A 190 2.99 15.15 -22.28
C ARG A 190 3.58 14.21 -23.32
N ILE A 191 2.85 13.16 -23.70
CA ILE A 191 3.37 12.18 -24.65
C ILE A 191 3.00 12.51 -26.08
N GLY A 192 2.35 13.64 -26.32
CA GLY A 192 2.11 14.06 -27.69
C GLY A 192 0.90 13.46 -28.34
N TYR A 193 -0.06 12.94 -27.55
CA TYR A 193 -1.28 12.37 -28.10
C TYR A 193 -2.53 13.13 -27.65
N ALA A 194 -2.38 14.42 -27.33
CA ALA A 194 -3.55 15.29 -27.13
C ALA A 194 -4.02 15.72 -28.52
N GLY A 195 -4.86 14.89 -29.14
CA GLY A 195 -5.18 15.05 -30.53
C GLY A 195 -6.21 16.13 -30.80
N ASP A 196 -6.38 16.42 -32.09
CA ASP A 196 -7.23 17.51 -32.57
C ASP A 196 -8.59 17.08 -33.05
N ALA A 197 -8.78 15.81 -33.39
CA ALA A 197 -10.06 15.37 -33.93
C ALA A 197 -11.07 15.21 -32.80
N PRO A 198 -12.35 15.46 -33.08
CA PRO A 198 -13.37 15.25 -32.03
C PRO A 198 -13.40 13.79 -31.60
N CYS A 199 -13.64 13.57 -30.32
CA CYS A 199 -13.77 12.22 -29.79
C CYS A 199 -15.21 11.77 -29.98
N GLY A 200 -15.42 10.82 -30.90
CA GLY A 200 -16.77 10.41 -31.26
C GLY A 200 -17.40 11.35 -32.28
N GLY A 201 -18.63 11.00 -32.65
N GLY A 201 -18.62 11.01 -32.68
CA GLY A 201 -19.43 11.73 -33.62
CA GLY A 201 -19.33 11.83 -33.64
C GLY A 201 -19.57 11.01 -34.94
C GLY A 201 -19.15 11.44 -35.09
N ARG A 202 -18.55 10.28 -35.35
CA ARG A 202 -18.54 9.66 -36.66
C ARG A 202 -19.39 8.40 -36.62
N LYS A 203 -20.27 8.23 -37.59
CA LYS A 203 -20.98 6.97 -37.73
C LYS A 203 -19.98 5.88 -38.12
N LEU A 204 -20.08 4.74 -37.45
CA LEU A 204 -19.32 3.55 -37.82
C LEU A 204 -20.27 2.57 -38.48
N HIS A 205 -19.82 1.96 -39.58
CA HIS A 205 -20.65 0.96 -40.25
C HIS A 205 -20.75 -0.32 -39.43
N ALA A 206 -19.62 -0.77 -38.88
CA ALA A 206 -19.55 -1.97 -38.04
C ALA A 206 -18.22 -1.96 -37.32
N ALA A 207 -18.14 -2.68 -36.21
CA ALA A 207 -16.93 -2.75 -35.41
C ALA A 207 -16.73 -4.19 -34.95
N PHE A 208 -15.46 -4.63 -34.96
CA PHE A 208 -15.09 -5.94 -34.44
C PHE A 208 -13.83 -5.78 -33.61
N GLU A 209 -13.76 -6.43 -32.46
CA GLU A 209 -12.53 -6.47 -31.67
C GLU A 209 -12.09 -7.91 -31.46
N LEU A 210 -10.84 -8.18 -31.78
CA LEU A 210 -10.20 -9.47 -31.57
C LEU A 210 -9.44 -9.43 -30.25
N HIS A 211 -9.61 -10.45 -29.41
CA HIS A 211 -9.02 -10.42 -28.06
C HIS A 211 -8.80 -11.84 -27.57
N ILE A 212 -7.82 -12.03 -26.68
CA ILE A 212 -7.72 -13.34 -26.03
C ILE A 212 -8.86 -13.46 -25.03
N GLU A 213 -9.26 -14.71 -24.76
CA GLU A 213 -10.41 -14.94 -23.88
C GLU A 213 -10.20 -14.37 -22.48
N GLN A 214 -9.00 -14.53 -21.93
CA GLN A 214 -8.64 -14.17 -20.56
C GLN A 214 -9.31 -15.09 -19.53
N GLY A 215 -9.81 -16.23 -20.00
CA GLY A 215 -10.32 -17.28 -19.14
C GLY A 215 -10.06 -18.64 -19.78
N PRO A 216 -10.44 -19.71 -19.10
CA PRO A 216 -9.96 -21.05 -19.46
C PRO A 216 -10.83 -21.85 -20.41
N ILE A 217 -11.98 -21.32 -20.83
CA ILE A 217 -13.02 -22.13 -21.45
C ILE A 217 -12.60 -22.63 -22.83
N LEU A 218 -12.17 -21.74 -23.71
CA LEU A 218 -11.86 -22.17 -25.07
C LEU A 218 -10.74 -23.20 -25.07
N GLU A 219 -9.68 -22.96 -24.28
CA GLU A 219 -8.61 -23.96 -24.21
C GLU A 219 -9.11 -25.26 -23.61
N ALA A 220 -9.88 -25.19 -22.52
CA ALA A 220 -10.33 -26.41 -21.86
C ALA A 220 -11.26 -27.22 -22.74
N GLU A 221 -11.98 -26.57 -23.65
CA GLU A 221 -12.96 -27.26 -24.46
C GLU A 221 -12.45 -27.54 -25.88
N LYS A 223 -11.61 -25.48 -28.26
CA LYS A 223 -12.24 -24.64 -29.26
C LYS A 223 -11.27 -23.55 -29.68
N THR A 224 -11.09 -23.36 -30.98
CA THR A 224 -10.10 -22.41 -31.45
C THR A 224 -10.63 -20.97 -31.41
N ILE A 225 -11.92 -20.78 -31.69
CA ILE A 225 -12.52 -19.46 -31.83
C ILE A 225 -13.66 -19.33 -30.83
N GLY A 226 -13.71 -18.20 -30.11
CA GLY A 226 -14.87 -17.82 -29.37
C GLY A 226 -15.70 -16.81 -30.15
N VAL A 227 -16.92 -17.22 -30.48
CA VAL A 227 -17.89 -16.33 -31.12
C VAL A 227 -18.56 -15.54 -29.99
N VAL A 228 -18.08 -14.32 -29.75
CA VAL A 228 -18.52 -13.58 -28.57
C VAL A 228 -19.89 -12.99 -28.83
N THR A 229 -20.87 -13.40 -28.01
CA THR A 229 -22.26 -12.97 -28.18
C THR A 229 -22.67 -11.88 -27.22
N ASP A 230 -22.01 -11.80 -26.06
CA ASP A 230 -22.39 -10.89 -24.98
C ASP A 230 -21.13 -10.52 -24.21
N ALA A 231 -21.25 -9.49 -23.39
CA ALA A 231 -20.20 -9.09 -22.47
C ALA A 231 -20.85 -8.81 -21.13
N GLN A 232 -20.31 -9.38 -20.06
CA GLN A 232 -21.00 -9.25 -18.79
C GLN A 232 -20.88 -7.82 -18.27
N GLY A 233 -21.76 -7.46 -17.32
CA GLY A 233 -21.74 -6.12 -16.76
C GLY A 233 -20.76 -6.01 -15.58
N GLN A 234 -20.42 -4.77 -15.23
CA GLN A 234 -19.48 -4.50 -14.16
C GLN A 234 -19.94 -3.31 -13.32
N ARG A 235 -19.57 -3.34 -12.05
CA ARG A 235 -19.67 -2.20 -11.15
C ARG A 235 -18.35 -2.12 -10.40
N TRP A 236 -17.69 -0.96 -10.44
CA TRP A 236 -16.47 -0.72 -9.69
C TRP A 236 -16.71 0.35 -8.63
N TYR A 237 -16.01 0.21 -7.50
CA TYR A 237 -16.20 1.10 -6.36
C TYR A 237 -14.86 1.57 -5.82
N GLU A 238 -14.89 2.72 -5.14
CA GLU A 238 -13.81 3.21 -4.31
C GLU A 238 -14.36 3.45 -2.92
N ILE A 239 -13.70 2.90 -1.91
CA ILE A 239 -14.15 3.03 -0.53
C ILE A 239 -12.98 3.53 0.30
N THR A 240 -13.21 4.58 1.09
CA THR A 240 -12.25 4.96 2.12
C THR A 240 -12.92 4.82 3.48
N PHE A 241 -12.31 4.02 4.35
CA PHE A 241 -12.68 3.97 5.76
C PHE A 241 -11.78 4.93 6.52
N THR A 242 -12.37 5.72 7.42
CA THR A 242 -11.58 6.55 8.32
C THR A 242 -11.88 6.14 9.76
N GLY A 243 -10.82 5.77 10.49
CA GLY A 243 -10.93 5.52 11.92
C GLY A 243 -10.07 6.50 12.68
N GLN A 244 -9.21 6.01 13.56
CA GLN A 244 -8.31 6.91 14.28
C GLN A 244 -6.98 6.22 14.47
N GLU A 245 -5.91 6.78 13.91
CA GLU A 245 -4.60 6.22 14.18
CA GLU A 245 -4.57 6.27 14.17
C GLU A 245 -4.26 6.40 15.66
N ALA A 246 -3.61 5.39 16.22
CA ALA A 246 -3.28 5.40 17.64
C ALA A 246 -2.23 4.33 17.85
N HIS A 247 -1.74 4.23 19.07
CA HIS A 247 -0.60 3.36 19.34
C HIS A 247 -1.02 1.89 19.24
N ALA A 248 -0.19 1.08 18.56
CA ALA A 248 -0.45 -0.36 18.50
C ALA A 248 -0.36 -1.03 19.86
N GLY A 249 0.29 -0.40 20.84
CA GLY A 249 0.42 -0.97 22.15
C GLY A 249 -0.69 -0.55 23.10
N PRO A 250 -0.44 0.49 23.89
CA PRO A 250 -1.33 0.80 25.02
C PRO A 250 -2.66 1.46 24.66
N THR A 251 -3.14 1.32 23.42
CA THR A 251 -4.51 1.70 23.10
C THR A 251 -5.38 0.49 23.42
N PRO A 252 -6.27 0.54 24.41
CA PRO A 252 -7.04 -0.67 24.74
C PRO A 252 -7.82 -1.17 23.53
N MET A 253 -7.77 -2.49 23.33
CA MET A 253 -8.38 -3.10 22.15
C MET A 253 -9.83 -2.68 21.91
N PRO A 254 -10.72 -2.65 22.92
CA PRO A 254 -12.14 -2.38 22.62
C PRO A 254 -12.43 -0.99 22.09
N ARG A 255 -11.60 0.00 22.36
CA ARG A 255 -11.91 1.35 21.91
C ARG A 255 -11.25 1.70 20.59
N ARG A 256 -10.49 0.79 19.99
CA ARG A 256 -9.81 1.11 18.75
C ARG A 256 -10.79 1.26 17.60
N ARG A 257 -10.46 2.16 16.69
CA ARG A 257 -11.20 2.34 15.45
CA ARG A 257 -11.20 2.35 15.44
C ARG A 257 -10.21 2.10 14.32
N ASP A 258 -9.99 0.81 14.03
CA ASP A 258 -8.96 0.33 13.11
C ASP A 258 -9.54 0.27 11.69
N ALA A 259 -9.06 1.14 10.81
CA ALA A 259 -9.60 1.18 9.45
C ALA A 259 -9.15 -0.01 8.63
N LEU A 260 -8.00 -0.60 8.93
CA LEU A 260 -7.59 -1.79 8.19
C LEU A 260 -8.38 -3.01 8.66
N LEU A 261 -8.73 -3.09 9.93
CA LEU A 261 -9.62 -4.16 10.36
C LEU A 261 -10.93 -4.09 9.59
N GLY A 262 -11.46 -2.88 9.42
CA GLY A 262 -12.68 -2.72 8.63
C GLY A 262 -12.48 -3.10 7.17
N ALA A 263 -11.43 -2.54 6.55
CA ALA A 263 -11.17 -2.85 5.15
C ALA A 263 -10.96 -4.34 4.94
N SER A 264 -10.23 -4.99 5.84
CA SER A 264 -10.00 -6.42 5.72
C SER A 264 -11.30 -7.21 5.80
N ARG A 265 -12.21 -6.77 6.67
CA ARG A 265 -13.50 -7.46 6.73
C ARG A 265 -14.28 -7.28 5.44
N VAL A 266 -14.10 -6.14 4.76
CA VAL A 266 -14.80 -5.95 3.49
C VAL A 266 -14.16 -6.80 2.40
N VAL A 267 -12.84 -6.99 2.44
CA VAL A 267 -12.21 -7.90 1.49
C VAL A 267 -12.86 -9.29 1.58
N ASP A 268 -13.08 -9.77 2.80
CA ASP A 268 -13.72 -11.06 3.00
C ASP A 268 -15.18 -11.02 2.55
N LEU A 269 -15.89 -9.94 2.86
CA LEU A 269 -17.27 -9.80 2.42
C LEU A 269 -17.38 -9.78 0.90
N VAL A 270 -16.49 -9.05 0.24
CA VAL A 270 -16.50 -8.99 -1.22
C VAL A 270 -16.36 -10.37 -1.81
N ASN A 271 -15.42 -11.17 -1.29
CA ASN A 271 -15.25 -12.54 -1.76
C ASN A 271 -16.53 -13.33 -1.50
N ARG A 272 -17.11 -13.19 -0.31
CA ARG A 272 -18.33 -13.91 0.00
C ARG A 272 -19.44 -13.56 -0.99
N ILE A 273 -19.57 -12.28 -1.32
CA ILE A 273 -20.59 -11.85 -2.27
C ILE A 273 -20.34 -12.47 -3.63
N GLY A 274 -19.08 -12.51 -4.07
CA GLY A 274 -18.77 -13.22 -5.31
C GLY A 274 -19.23 -14.67 -5.26
N LEU A 275 -18.88 -15.38 -4.19
CA LEU A 275 -19.23 -16.78 -4.11
C LEU A 275 -20.74 -16.99 -3.92
N ASP A 276 -21.43 -16.02 -3.33
CA ASP A 276 -22.87 -16.17 -3.11
C ASP A 276 -23.66 -16.04 -4.41
N HIS A 277 -23.02 -15.63 -5.49
CA HIS A 277 -23.70 -15.46 -6.78
C HIS A 277 -23.00 -16.31 -7.83
N ALA A 278 -22.61 -17.51 -7.42
CA ALA A 278 -22.03 -18.49 -8.32
C ALA A 278 -23.12 -19.03 -9.26
N PRO A 279 -22.74 -19.52 -10.44
CA PRO A 279 -21.36 -19.70 -10.91
C PRO A 279 -20.72 -18.51 -11.59
N TYR A 280 -21.47 -17.46 -11.90
CA TYR A 280 -20.92 -16.43 -12.77
C TYR A 280 -20.52 -15.14 -12.05
N GLY A 281 -20.83 -14.99 -10.77
CA GLY A 281 -20.40 -13.79 -10.06
C GLY A 281 -18.89 -13.70 -9.98
N CYS A 282 -18.38 -12.48 -10.14
CA CYS A 282 -16.97 -12.15 -10.00
C CYS A 282 -16.85 -11.01 -9.00
N ALA A 283 -15.92 -11.13 -8.04
CA ALA A 283 -15.77 -10.10 -7.01
C ALA A 283 -14.35 -10.10 -6.50
N THR A 284 -13.74 -8.91 -6.45
CA THR A 284 -12.32 -8.76 -6.16
C THR A 284 -12.06 -7.43 -5.48
N VAL A 285 -11.16 -7.43 -4.50
CA VAL A 285 -10.51 -6.21 -4.02
C VAL A 285 -9.07 -6.28 -4.51
N GLY A 286 -8.71 -5.41 -5.45
CA GLY A 286 -7.41 -5.49 -6.07
C GLY A 286 -6.44 -4.42 -5.62
N MET A 287 -6.95 -3.33 -5.06
CA MET A 287 -6.13 -2.17 -4.75
C MET A 287 -6.46 -1.70 -3.34
N MET A 288 -5.42 -1.44 -2.55
CA MET A 288 -5.59 -1.03 -1.15
C MET A 288 -4.43 -0.12 -0.79
N GLN A 289 -4.72 0.98 -0.10
CA GLN A 289 -3.70 1.92 0.37
C GLN A 289 -3.96 2.17 1.85
N VAL A 290 -3.01 1.82 2.71
CA VAL A 290 -3.16 1.94 4.17
C VAL A 290 -2.43 3.18 4.65
N HIS A 291 -3.04 3.92 5.59
CA HIS A 291 -2.42 5.11 6.16
CA HIS A 291 -2.42 5.12 6.17
C HIS A 291 -2.45 5.03 7.69
N PRO A 292 -1.33 5.32 8.38
CA PRO A 292 -0.06 5.76 7.80
C PRO A 292 0.83 4.61 7.34
N ASN A 293 0.38 3.36 7.51
CA ASN A 293 1.12 2.17 7.07
C ASN A 293 2.41 1.99 7.88
N SER A 294 2.35 2.31 9.17
CA SER A 294 3.46 2.08 10.08
C SER A 294 3.12 0.90 10.99
N ARG A 295 4.07 -0.01 11.18
CA ARG A 295 3.73 -1.30 11.80
C ARG A 295 3.22 -1.14 13.23
N ASN A 296 3.66 -0.12 13.97
CA ASN A 296 3.18 0.07 15.34
C ASN A 296 2.21 1.25 15.47
N VAL A 297 1.42 1.50 14.42
CA VAL A 297 0.33 2.47 14.44
C VAL A 297 -0.93 1.78 13.93
N ILE A 298 -1.99 1.78 14.74
CA ILE A 298 -3.32 1.35 14.28
C ILE A 298 -3.68 2.16 13.03
N PRO A 299 -4.03 1.53 11.91
CA PRO A 299 -4.29 2.31 10.69
C PRO A 299 -5.53 3.18 10.86
N GLY A 300 -5.39 4.45 10.48
CA GLY A 300 -6.46 5.41 10.69
C GLY A 300 -7.26 5.70 9.43
N ARG A 301 -6.74 5.28 8.27
CA ARG A 301 -7.43 5.50 7.01
CA ARG A 301 -7.45 5.49 7.02
C ARG A 301 -7.03 4.42 6.02
N VAL A 302 -8.01 3.80 5.36
CA VAL A 302 -7.68 2.83 4.33
C VAL A 302 -8.56 3.08 3.12
N PHE A 303 -7.94 3.24 1.95
CA PHE A 303 -8.62 3.32 0.67
C PHE A 303 -8.53 1.96 0.00
N PHE A 304 -9.63 1.51 -0.62
CA PHE A 304 -9.55 0.26 -1.39
C PHE A 304 -10.65 0.26 -2.45
N THR A 305 -10.51 -0.68 -3.38
CA THR A 305 -11.41 -0.79 -4.53
C THR A 305 -12.22 -2.06 -4.44
N VAL A 306 -13.40 -2.04 -5.07
CA VAL A 306 -14.20 -3.24 -5.22
C VAL A 306 -14.55 -3.38 -6.69
N ASP A 307 -14.47 -4.61 -7.17
CA ASP A 307 -14.71 -4.98 -8.57
C ASP A 307 -15.78 -6.05 -8.55
N PHE A 308 -16.96 -5.75 -9.09
CA PHE A 308 -18.08 -6.69 -9.17
C PHE A 308 -18.45 -6.90 -10.63
N ARG A 309 -18.73 -8.15 -11.01
CA ARG A 309 -19.18 -8.43 -12.37
C ARG A 309 -20.21 -9.55 -12.35
N HIS A 310 -21.19 -9.47 -13.26
CA HIS A 310 -22.12 -10.58 -13.46
C HIS A 310 -22.76 -10.42 -14.83
N PRO A 311 -23.11 -11.53 -15.50
CA PRO A 311 -23.77 -11.42 -16.81
C PRO A 311 -25.23 -11.00 -16.72
N ASP A 312 -25.81 -10.96 -15.54
CA ASP A 312 -27.22 -10.57 -15.36
C ASP A 312 -27.27 -9.27 -14.57
N ASP A 313 -27.92 -8.25 -15.14
CA ASP A 313 -27.94 -6.94 -14.50
C ASP A 313 -28.62 -6.98 -13.13
N ALA A 314 -29.68 -7.76 -12.99
CA ALA A 314 -30.38 -7.84 -11.71
C ALA A 314 -29.51 -8.48 -10.64
N VAL A 315 -28.76 -9.52 -10.99
CA VAL A 315 -27.86 -10.14 -10.01
C VAL A 315 -26.74 -9.20 -9.65
N LEU A 316 -26.20 -8.48 -10.63
CA LEU A 316 -25.17 -7.49 -10.34
C LEU A 316 -25.71 -6.40 -9.42
N ALA A 317 -26.97 -6.02 -9.58
CA ALA A 317 -27.56 -5.03 -8.68
C ALA A 317 -27.73 -5.59 -7.27
N LYS A 318 -28.06 -6.89 -7.16
CA LYS A 318 -28.14 -7.54 -5.86
C LYS A 318 -26.80 -7.54 -5.15
N MET A 319 -25.72 -7.78 -5.91
CA MET A 319 -24.39 -7.71 -5.32
C MET A 319 -24.09 -6.31 -4.82
N ASP A 320 -24.42 -5.29 -5.62
CA ASP A 320 -24.27 -3.90 -5.21
C ASP A 320 -24.96 -3.63 -3.87
N ALA A 321 -26.22 -4.04 -3.75
CA ALA A 321 -26.96 -3.76 -2.53
C ALA A 321 -26.35 -4.49 -1.33
N ALA A 322 -25.84 -5.71 -1.56
CA ALA A 322 -25.23 -6.48 -0.49
C ALA A 322 -23.93 -5.84 -0.03
N LEU A 323 -23.14 -5.32 -0.98
CA LEU A 323 -21.93 -4.60 -0.58
C LEU A 323 -22.26 -3.38 0.26
N ARG A 324 -23.21 -2.55 -0.19
CA ARG A 324 -23.47 -1.31 0.53
C ARG A 324 -23.99 -1.59 1.93
N ASP A 325 -24.85 -2.61 2.06
CA ASP A 325 -25.36 -3.00 3.37
C ASP A 325 -24.26 -3.54 4.26
N GLY A 326 -23.43 -4.44 3.72
CA GLY A 326 -22.40 -5.06 4.54
C GLY A 326 -21.32 -4.08 4.93
N VAL A 327 -20.97 -3.16 4.04
CA VAL A 327 -19.98 -2.13 4.36
C VAL A 327 -20.48 -1.26 5.52
N ALA A 328 -21.75 -0.86 5.45
CA ALA A 328 -22.31 -0.06 6.54
C ALA A 328 -22.28 -0.81 7.86
N ARG A 329 -22.58 -2.10 7.84
CA ARG A 329 -22.59 -2.86 9.07
C ARG A 329 -21.20 -2.97 9.66
N ILE A 330 -20.20 -3.24 8.82
CA ILE A 330 -18.83 -3.35 9.29
C ILE A 330 -18.35 -2.03 9.88
N ALA A 331 -18.65 -0.92 9.20
CA ALA A 331 -18.21 0.38 9.68
C ALA A 331 -18.89 0.74 10.98
N ALA A 332 -20.18 0.41 11.10
CA ALA A 332 -20.92 0.72 12.32
C ALA A 332 -20.41 -0.07 13.51
N ASP A 333 -20.01 -1.33 13.28
CA ASP A 333 -19.52 -2.15 14.38
CA ASP A 333 -19.52 -2.16 14.38
C ASP A 333 -18.20 -1.64 14.93
N ILE A 334 -17.32 -1.16 14.05
CA ILE A 334 -16.02 -0.65 14.48
C ILE A 334 -16.11 0.81 14.88
N GLY A 335 -16.95 1.59 14.19
CA GLY A 335 -16.96 3.02 14.41
C GLY A 335 -16.14 3.76 13.38
N LEU A 336 -16.20 3.31 12.14
CA LEU A 336 -15.50 3.96 11.04
C LEU A 336 -16.46 4.87 10.28
N ASP A 337 -15.91 5.96 9.74
CA ASP A 337 -16.61 6.77 8.75
C ASP A 337 -16.38 6.16 7.37
N THR A 338 -17.40 6.20 6.51
CA THR A 338 -17.33 5.54 5.21
C THR A 338 -17.56 6.53 4.10
N ALA A 339 -16.65 6.54 3.13
CA ALA A 339 -16.85 7.23 1.86
C ALA A 339 -16.89 6.14 0.79
N LEU A 340 -18.07 5.89 0.22
CA LEU A 340 -18.23 4.84 -0.77
C LEU A 340 -18.77 5.47 -2.05
N GLU A 341 -18.10 5.21 -3.17
CA GLU A 341 -18.54 5.72 -4.47
C GLU A 341 -18.49 4.58 -5.47
N GLN A 342 -19.60 4.35 -6.18
CA GLN A 342 -19.53 3.52 -7.36
C GLN A 342 -18.97 4.38 -8.48
N ILE A 343 -17.76 4.08 -8.93
CA ILE A 343 -17.09 4.92 -9.92
C ILE A 343 -17.29 4.44 -11.36
N PHE A 344 -17.94 3.29 -11.55
CA PHE A 344 -18.02 2.66 -12.87
C PHE A 344 -19.19 1.69 -12.87
N TYR A 345 -20.03 1.77 -13.90
CA TYR A 345 -21.10 0.78 -14.08
C TYR A 345 -21.48 0.72 -15.55
N TYR A 346 -21.58 -0.49 -16.09
CA TYR A 346 -22.31 -0.68 -17.33
C TYR A 346 -23.03 -2.02 -17.27
N ALA A 347 -24.22 -2.04 -17.86
CA ALA A 347 -25.03 -3.23 -17.88
C ALA A 347 -24.42 -4.27 -18.83
N PRO A 348 -24.68 -5.56 -18.58
CA PRO A 348 -24.35 -6.58 -19.59
C PRO A 348 -24.92 -6.16 -20.94
N ILE A 349 -24.21 -6.48 -22.00
CA ILE A 349 -24.61 -6.01 -23.32
C ILE A 349 -24.53 -7.17 -24.30
N ALA A 350 -25.51 -7.25 -25.19
CA ALA A 350 -25.54 -8.24 -26.25
C ALA A 350 -24.93 -7.64 -27.50
N PHE A 351 -24.06 -8.40 -28.16
CA PHE A 351 -23.45 -7.87 -29.37
C PHE A 351 -24.39 -8.04 -30.55
N ASP A 352 -24.08 -7.35 -31.65
CA ASP A 352 -24.98 -7.29 -32.79
C ASP A 352 -25.08 -8.66 -33.46
N SER A 353 -26.32 -9.07 -33.78
CA SER A 353 -26.56 -10.43 -34.27
CA SER A 353 -26.53 -10.44 -34.25
C SER A 353 -25.90 -10.66 -35.63
N ALA A 354 -25.95 -9.66 -36.51
CA ALA A 354 -25.31 -9.84 -37.82
C ALA A 354 -23.80 -9.89 -37.69
N CYS A 355 -23.23 -9.08 -36.80
CA CYS A 355 -21.79 -9.16 -36.56
C CYS A 355 -21.41 -10.52 -36.00
N VAL A 356 -22.17 -11.01 -35.03
CA VAL A 356 -21.90 -12.33 -34.47
C VAL A 356 -21.95 -13.39 -35.56
N ALA A 357 -22.95 -13.31 -36.44
CA ALA A 357 -23.06 -14.28 -37.52
C ALA A 357 -21.86 -14.21 -38.46
N ALA A 358 -21.34 -13.00 -38.70
CA ALA A 358 -20.18 -12.84 -39.57
C ALA A 358 -18.95 -13.49 -38.97
N VAL A 359 -18.79 -13.40 -37.64
CA VAL A 359 -17.68 -14.04 -36.94
C VAL A 359 -17.80 -15.56 -37.03
N ARG A 360 -19.01 -16.07 -36.78
CA ARG A 360 -19.24 -17.50 -36.89
C ARG A 360 -18.99 -17.99 -38.32
N ALA A 361 -19.49 -17.25 -39.31
CA ALA A 361 -19.28 -17.62 -40.72
C ALA A 361 -17.80 -17.65 -41.07
N ALA A 362 -17.03 -16.71 -40.54
CA ALA A 362 -15.59 -16.68 -40.81
C ALA A 362 -14.90 -17.87 -40.17
N ALA A 363 -15.30 -18.24 -38.96
CA ALA A 363 -14.72 -19.43 -38.33
C ALA A 363 -15.03 -20.67 -39.16
N ASP A 364 -16.27 -20.81 -39.62
CA ASP A 364 -16.65 -21.96 -40.42
C ASP A 364 -15.90 -21.99 -41.75
N ARG A 365 -15.64 -20.81 -42.32
CA ARG A 365 -14.94 -20.76 -43.61
C ARG A 365 -13.59 -21.45 -43.52
N PHE A 366 -12.86 -21.24 -42.43
CA PHE A 366 -11.56 -21.85 -42.24
C PHE A 366 -11.63 -23.19 -41.54
N GLY A 367 -12.82 -23.69 -41.21
CA GLY A 367 -12.90 -24.96 -40.52
C GLY A 367 -12.44 -24.92 -39.08
N TYR A 368 -12.37 -23.74 -38.47
CA TYR A 368 -11.96 -23.67 -37.08
C TYR A 368 -13.07 -24.15 -36.17
N SER A 369 -12.71 -24.86 -35.11
CA SER A 369 -13.68 -25.19 -34.07
C SER A 369 -14.05 -23.92 -33.30
N HIS A 370 -15.31 -23.83 -32.88
CA HIS A 370 -15.76 -22.61 -32.21
C HIS A 370 -16.92 -22.91 -31.27
N ARG A 371 -17.15 -21.98 -30.34
CA ARG A 371 -18.37 -21.99 -29.53
C ARG A 371 -18.74 -20.55 -29.19
N ASP A 372 -20.03 -20.36 -28.92
CA ASP A 372 -20.50 -19.07 -28.42
C ASP A 372 -19.93 -18.83 -27.02
N ILE A 373 -19.61 -17.57 -26.71
CA ILE A 373 -19.02 -17.28 -25.42
C ILE A 373 -19.37 -15.87 -24.97
N VAL A 374 -19.41 -15.67 -23.65
CA VAL A 374 -19.68 -14.38 -23.03
C VAL A 374 -18.37 -13.82 -22.50
N SER A 375 -18.06 -12.58 -22.87
CA SER A 375 -16.82 -11.96 -22.40
C SER A 375 -16.91 -11.65 -20.91
N GLY A 376 -15.91 -12.09 -20.15
CA GLY A 376 -15.88 -11.84 -18.73
C GLY A 376 -15.19 -10.54 -18.40
N ALA A 377 -14.35 -10.07 -19.32
CA ALA A 377 -13.72 -8.76 -19.19
C ALA A 377 -14.51 -7.71 -19.96
N GLY A 378 -14.21 -6.46 -19.65
CA GLY A 378 -14.69 -5.35 -20.47
C GLY A 378 -13.72 -5.07 -21.60
N HIS A 379 -14.25 -4.55 -22.69
CA HIS A 379 -13.46 -4.18 -23.85
C HIS A 379 -14.03 -2.91 -24.43
N ASP A 380 -13.19 -2.19 -25.18
CA ASP A 380 -13.68 -1.01 -25.87
C ASP A 380 -14.88 -1.36 -26.75
N ALA A 381 -14.90 -2.58 -27.31
CA ALA A 381 -16.05 -3.02 -28.10
C ALA A 381 -17.37 -2.94 -27.32
N CYS A 382 -17.34 -3.09 -25.99
CA CYS A 382 -18.59 -3.01 -25.23
C CYS A 382 -19.23 -1.64 -25.36
N TYR A 383 -18.41 -0.58 -25.42
CA TYR A 383 -18.96 0.75 -25.64
C TYR A 383 -19.28 1.01 -27.10
N LEU A 384 -18.45 0.51 -28.03
CA LEU A 384 -18.77 0.68 -29.44
C LEU A 384 -20.12 0.05 -29.78
N ALA A 385 -20.49 -1.04 -29.10
CA ALA A 385 -21.76 -1.70 -29.37
C ALA A 385 -22.95 -0.78 -29.13
N GLN A 386 -22.79 0.28 -28.32
CA GLN A 386 -23.89 1.19 -28.08
C GLN A 386 -24.16 2.12 -29.27
N VAL A 387 -23.20 2.27 -30.17
CA VAL A 387 -23.32 3.25 -31.26
C VAL A 387 -23.16 2.62 -32.63
N ALA A 388 -22.73 1.37 -32.74
CA ALA A 388 -22.53 0.76 -34.04
C ALA A 388 -22.71 -0.74 -33.90
N PRO A 389 -23.12 -1.43 -34.96
CA PRO A 389 -23.17 -2.91 -34.92
C PRO A 389 -21.78 -3.46 -34.63
N THR A 390 -21.66 -4.21 -33.52
CA THR A 390 -20.36 -4.62 -32.98
C THR A 390 -20.43 -6.06 -32.49
N SER A 391 -19.34 -6.82 -32.67
CA SER A 391 -19.16 -8.04 -31.88
C SER A 391 -17.66 -8.27 -31.73
N MET A 392 -17.29 -9.41 -31.15
CA MET A 392 -15.90 -9.70 -30.86
C MET A 392 -15.52 -11.10 -31.30
N VAL A 393 -14.21 -11.29 -31.47
CA VAL A 393 -13.59 -12.57 -31.78
C VAL A 393 -12.66 -12.91 -30.64
N PHE A 394 -12.85 -14.08 -30.01
CA PHE A 394 -11.96 -14.58 -28.99
C PHE A 394 -11.08 -15.70 -29.55
N VAL A 395 -9.87 -15.79 -29.04
CA VAL A 395 -9.04 -17.00 -29.14
C VAL A 395 -8.70 -17.41 -27.71
N PRO A 396 -8.23 -18.64 -27.50
CA PRO A 396 -7.93 -19.09 -26.14
C PRO A 396 -6.68 -18.42 -25.61
N CYS A 397 -6.41 -18.63 -24.32
CA CYS A 397 -5.10 -18.33 -23.76
C CYS A 397 -4.70 -19.44 -22.81
N ILE A 398 -3.39 -19.61 -22.64
CA ILE A 398 -2.85 -20.77 -21.94
C ILE A 398 -3.26 -20.73 -20.47
N ASP A 399 -3.90 -21.81 -20.01
CA ASP A 399 -4.37 -21.95 -18.64
C ASP A 399 -5.37 -20.87 -18.27
N GLY A 400 -5.89 -20.18 -19.30
CA GLY A 400 -6.84 -19.11 -19.13
C GLY A 400 -6.38 -17.91 -18.32
N ILE A 401 -5.07 -17.70 -18.17
CA ILE A 401 -4.60 -16.65 -17.28
CA ILE A 401 -4.56 -16.66 -17.29
C ILE A 401 -4.35 -15.37 -18.06
N SER A 402 -4.75 -14.26 -17.47
CA SER A 402 -4.47 -12.93 -17.99
C SER A 402 -4.24 -12.03 -16.79
N HIS A 403 -3.71 -10.84 -17.05
CA HIS A 403 -3.28 -9.91 -16.01
C HIS A 403 -2.20 -10.52 -15.13
N ASN A 404 -1.42 -11.42 -15.73
CA ASN A 404 -0.22 -12.03 -15.16
C ASN A 404 0.80 -12.08 -16.30
N GLU A 405 2.07 -11.88 -15.98
CA GLU A 405 3.09 -11.77 -17.01
C GLU A 405 3.32 -13.08 -17.77
N ILE A 406 2.84 -14.21 -17.25
CA ILE A 406 2.95 -15.48 -17.97
C ILE A 406 1.81 -15.71 -18.95
N GLU A 407 0.93 -14.73 -19.13
CA GLU A 407 -0.12 -14.80 -20.15
C GLU A 407 0.47 -15.25 -21.48
N ASP A 408 -0.21 -16.18 -22.16
CA ASP A 408 0.38 -16.77 -23.34
C ASP A 408 -0.67 -17.28 -24.31
N ALA A 409 -0.29 -17.34 -25.58
CA ALA A 409 -1.14 -17.89 -26.63
C ALA A 409 -0.27 -18.60 -27.64
N THR A 410 -0.82 -19.59 -28.33
CA THR A 410 -0.03 -20.28 -29.33
C THR A 410 -0.06 -19.53 -30.66
N PRO A 411 0.98 -19.69 -31.48
CA PRO A 411 0.91 -19.12 -32.84
C PRO A 411 -0.33 -19.54 -33.62
N ALA A 412 -0.75 -20.80 -33.48
CA ALA A 412 -1.97 -21.26 -34.15
C ALA A 412 -3.18 -20.43 -33.74
N TRP A 413 -3.38 -20.21 -32.44
CA TRP A 413 -4.51 -19.40 -31.99
C TRP A 413 -4.43 -17.98 -32.52
N ILE A 414 -3.24 -17.38 -32.43
CA ILE A 414 -3.07 -16.00 -32.87
C ILE A 414 -3.44 -15.86 -34.34
N GLU A 415 -2.93 -16.77 -35.18
CA GLU A 415 -3.21 -16.71 -36.60
C GLU A 415 -4.70 -16.96 -36.89
N ALA A 416 -5.30 -17.92 -36.20
CA ALA A 416 -6.70 -18.27 -36.47
C ALA A 416 -7.61 -17.09 -36.16
N GLY A 417 -7.39 -16.42 -35.03
CA GLY A 417 -8.26 -15.31 -34.68
C GLY A 417 -8.17 -14.17 -35.68
N ALA A 418 -6.97 -13.94 -36.22
CA ALA A 418 -6.78 -12.88 -37.20
C ALA A 418 -7.42 -13.24 -38.54
N ASN A 419 -7.43 -14.52 -38.91
CA ASN A 419 -8.16 -14.92 -40.11
C ASN A 419 -9.66 -14.67 -39.95
N VAL A 420 -10.20 -14.95 -38.76
CA VAL A 420 -11.63 -14.73 -38.54
C VAL A 420 -11.94 -13.24 -38.55
N LEU A 421 -11.09 -12.45 -37.89
CA LEU A 421 -11.27 -10.99 -37.93
C LEU A 421 -11.23 -10.49 -39.37
N LEU A 422 -10.23 -10.94 -40.13
CA LEU A 422 -10.09 -10.55 -41.53
C LEU A 422 -11.38 -10.78 -42.31
N HIS A 423 -11.95 -11.98 -42.21
CA HIS A 423 -13.11 -12.25 -43.04
C HIS A 423 -14.38 -11.64 -42.49
N ALA A 424 -14.53 -11.54 -41.16
CA ALA A 424 -15.68 -10.84 -40.63
C ALA A 424 -15.66 -9.38 -41.05
N MET A 425 -14.49 -8.75 -41.00
CA MET A 425 -14.38 -7.36 -41.44
C MET A 425 -14.63 -7.26 -42.94
N LEU A 426 -14.03 -8.16 -43.73
CA LEU A 426 -14.27 -8.15 -45.17
C LEU A 426 -15.75 -8.29 -45.49
N SER A 427 -16.43 -9.18 -44.78
CA SER A 427 -17.86 -9.38 -45.03
C SER A 427 -18.63 -8.08 -44.92
N ARG A 428 -18.34 -7.28 -43.90
CA ARG A 428 -19.11 -6.04 -43.73
C ARG A 428 -18.55 -4.88 -44.55
N ALA A 429 -17.23 -4.83 -44.76
CA ALA A 429 -16.65 -3.70 -45.47
C ALA A 429 -16.90 -3.78 -46.96
N CYS A 430 -17.32 -4.93 -47.47
CA CYS A 430 -17.63 -5.09 -48.89
C CYS A 430 -19.12 -5.01 -49.17
N GLU A 431 -19.93 -4.69 -48.16
CA GLU A 431 -21.34 -4.41 -48.42
C GLU A 431 -21.45 -3.13 -49.23
N PRO A 432 -22.25 -3.12 -50.30
CA PRO A 432 -22.34 -1.91 -51.12
C PRO A 432 -22.96 -0.76 -50.35
N VAL A 433 -22.52 0.46 -50.67
CA VAL A 433 -22.96 1.65 -49.95
C VAL A 433 -24.18 2.26 -50.61
N LEU B 21 11.17 16.29 51.67
CA LEU B 21 10.09 17.11 51.13
C LEU B 21 10.60 18.49 50.71
N ASP B 22 11.91 18.62 50.60
CA ASP B 22 12.55 19.86 50.14
C ASP B 22 12.40 19.96 48.63
N THR B 23 11.64 20.96 48.16
CA THR B 23 11.34 21.13 46.76
C THR B 23 12.00 22.38 46.16
N SER B 24 13.02 22.93 46.85
CA SER B 24 13.69 24.12 46.34
C SER B 24 14.46 23.84 45.05
N ILE B 25 14.90 22.61 44.85
CA ILE B 25 15.57 22.21 43.62
C ILE B 25 14.48 21.66 42.70
N LYS B 26 14.04 22.49 41.74
CA LYS B 26 12.96 22.12 40.84
C LYS B 26 13.27 22.67 39.45
N VAL B 27 12.57 22.15 38.46
CA VAL B 27 12.82 22.52 37.07
C VAL B 27 12.17 23.86 36.74
N ASP B 28 12.59 24.44 35.62
CA ASP B 28 11.96 25.61 35.03
C ASP B 28 10.92 25.09 34.05
N GLY B 29 9.66 25.04 34.49
CA GLY B 29 8.64 24.42 33.66
C GLY B 29 8.42 25.16 32.35
N ARG B 30 8.49 26.49 32.38
CA ARG B 30 8.28 27.27 31.16
C ARG B 30 9.39 27.01 30.15
N ARG B 31 10.65 26.97 30.62
CA ARG B 31 11.77 26.74 29.71
C ARG B 31 11.64 25.38 29.04
N LEU B 32 11.22 24.36 29.81
CA LEU B 32 11.05 23.03 29.26
C LEU B 32 9.91 22.99 28.26
N TRP B 33 8.76 23.56 28.62
CA TRP B 33 7.62 23.59 27.71
C TRP B 33 7.97 24.32 26.42
N ASP B 34 8.61 25.49 26.53
CA ASP B 34 9.00 26.24 25.34
C ASP B 34 9.96 25.43 24.48
N SER B 35 10.86 24.65 25.09
CA SER B 35 11.76 23.84 24.31
C SER B 35 10.98 22.78 23.52
N LEU B 36 9.95 22.20 24.14
CA LEU B 36 9.11 21.24 23.43
C LEU B 36 8.40 21.90 22.25
N MET B 37 7.91 23.14 22.43
CA MET B 37 7.20 23.79 21.33
C MET B 37 8.15 24.14 20.19
N GLU B 38 9.39 24.49 20.52
CA GLU B 38 10.38 24.82 19.51
C GLU B 38 10.76 23.59 18.67
N VAL B 39 11.06 22.47 19.35
CA VAL B 39 11.46 21.29 18.58
C VAL B 39 10.30 20.77 17.76
N ALA B 40 9.07 20.94 18.25
CA ALA B 40 7.87 20.50 17.53
C ALA B 40 7.74 21.16 16.16
N LYS B 41 8.42 22.29 15.96
CA LYS B 41 8.39 22.94 14.65
C LYS B 41 9.11 22.12 13.58
N ILE B 42 10.05 21.27 13.98
CA ILE B 42 10.88 20.52 13.05
C ILE B 42 10.09 19.29 12.63
N GLY B 43 9.56 19.32 11.41
CA GLY B 43 8.66 18.27 10.96
C GLY B 43 7.22 18.50 11.31
N ALA B 44 6.85 19.73 11.69
CA ALA B 44 5.47 20.00 12.08
C ALA B 44 4.52 19.66 10.95
N THR B 45 3.40 19.03 11.29
CA THR B 45 2.40 18.68 10.29
C THR B 45 1.19 19.61 10.38
N PRO B 46 0.39 19.69 9.31
CA PRO B 46 -0.80 20.56 9.36
C PRO B 46 -1.72 20.26 10.53
N LYS B 47 -1.82 19.00 10.96
CA LYS B 47 -2.69 18.62 12.06
C LYS B 47 -2.12 18.96 13.42
N GLY B 48 -0.90 19.49 13.48
CA GLY B 48 -0.31 19.86 14.75
C GLY B 48 0.55 18.79 15.37
N GLY B 49 0.95 17.78 14.61
CA GLY B 49 1.86 16.78 15.07
C GLY B 49 3.24 16.93 14.46
N VAL B 50 3.96 15.82 14.42
CA VAL B 50 5.36 15.79 14.00
C VAL B 50 5.57 14.59 13.09
N CYS B 51 6.18 14.82 11.93
CA CYS B 51 6.55 13.75 11.00
C CYS B 51 8.05 13.87 10.81
N ARG B 52 8.81 13.16 11.66
CA ARG B 52 10.25 13.30 11.72
C ARG B 52 10.83 11.90 11.84
N LEU B 53 10.82 11.16 10.73
CA LEU B 53 11.26 9.78 10.77
C LEU B 53 12.76 9.72 11.05
N ALA B 54 13.18 8.65 11.71
CA ALA B 54 14.58 8.51 12.09
C ALA B 54 15.50 8.62 10.87
N LEU B 55 16.60 9.36 11.06
CA LEU B 55 17.69 9.48 10.09
C LEU B 55 17.29 10.17 8.79
N THR B 56 16.21 10.95 8.83
CA THR B 56 15.93 11.92 7.78
C THR B 56 16.71 13.22 8.07
N ASP B 57 16.69 14.13 7.09
CA ASP B 57 17.27 15.45 7.33
C ASP B 57 16.56 16.16 8.48
N LEU B 58 15.26 15.89 8.66
CA LEU B 58 14.54 16.50 9.79
C LEU B 58 15.00 15.94 11.12
N ASP B 59 15.20 14.61 11.20
CA ASP B 59 15.80 14.02 12.39
C ASP B 59 17.18 14.64 12.66
N LYS B 60 17.98 14.81 11.61
CA LYS B 60 19.27 15.48 11.74
C LYS B 60 19.11 16.89 12.32
N ALA B 61 18.11 17.64 11.82
CA ALA B 61 17.94 19.01 12.31
C ALA B 61 17.59 19.05 13.80
N ALA B 62 16.76 18.11 14.26
CA ALA B 62 16.41 18.08 15.67
C ALA B 62 17.61 17.66 16.52
N ARG B 63 18.33 16.62 16.08
CA ARG B 63 19.58 16.25 16.74
C ARG B 63 20.52 17.45 16.85
N ASP B 64 20.75 18.13 15.72
CA ASP B 64 21.70 19.24 15.70
C ASP B 64 21.30 20.32 16.67
N LEU B 65 20.01 20.62 16.74
CA LEU B 65 19.53 21.70 17.59
C LEU B 65 19.71 21.34 19.06
N ILE B 66 19.35 20.10 19.42
CA ILE B 66 19.46 19.67 20.82
C ILE B 66 20.93 19.57 21.22
N VAL B 67 21.79 19.07 20.33
CA VAL B 67 23.21 19.02 20.65
C VAL B 67 23.75 20.42 20.92
N GLY B 68 23.38 21.39 20.07
CA GLY B 68 23.85 22.75 20.29
C GLY B 68 23.38 23.34 21.61
N TRP B 69 22.14 23.02 22.00
CA TRP B 69 21.64 23.43 23.31
C TRP B 69 22.45 22.79 24.43
N ALA B 70 22.75 21.50 24.29
CA ALA B 70 23.52 20.79 25.31
C ALA B 70 24.90 21.39 25.48
N LYS B 71 25.56 21.71 24.36
CA LYS B 71 26.90 22.28 24.46
C LYS B 71 26.86 23.66 25.11
N ALA B 72 25.82 24.45 24.80
CA ALA B 72 25.68 25.75 25.43
C ALA B 72 25.38 25.63 26.92
N ALA B 73 24.84 24.49 27.35
CA ALA B 73 24.62 24.23 28.76
C ALA B 73 25.82 23.54 29.40
N GLY B 74 26.97 23.53 28.74
CA GLY B 74 28.18 23.00 29.33
C GLY B 74 28.42 21.52 29.18
N CYS B 75 27.69 20.85 28.29
CA CYS B 75 27.87 19.41 28.06
C CYS B 75 28.96 19.15 27.05
N THR B 76 29.70 18.07 27.26
CA THR B 76 30.53 17.49 26.20
C THR B 76 29.71 16.43 25.49
N VAL B 77 29.95 16.25 24.19
CA VAL B 77 29.07 15.44 23.36
C VAL B 77 29.89 14.38 22.64
N THR B 78 29.40 13.14 22.68
CA THR B 78 29.96 12.06 21.87
C THR B 78 28.83 11.38 21.10
N VAL B 79 29.19 10.70 20.02
CA VAL B 79 28.24 9.98 19.18
C VAL B 79 28.82 8.58 18.94
N ASP B 80 28.01 7.54 19.13
CA ASP B 80 28.53 6.20 18.93
C ASP B 80 28.21 5.68 17.53
N THR B 81 28.58 4.42 17.28
CA THR B 81 28.50 3.85 15.94
C THR B 81 27.08 3.59 15.47
N MET B 82 26.10 3.59 16.39
CA MET B 82 24.68 3.54 16.01
C MET B 82 24.04 4.91 16.02
N GLY B 83 24.84 5.97 16.11
CA GLY B 83 24.32 7.33 16.10
C GLY B 83 23.70 7.78 17.40
N ASN B 84 23.83 7.01 18.48
CA ASN B 84 23.34 7.47 19.76
C ASN B 84 24.20 8.65 20.22
N VAL B 85 23.54 9.66 20.78
CA VAL B 85 24.17 10.94 21.14
C VAL B 85 24.21 11.04 22.66
N PHE B 86 25.41 11.20 23.21
CA PHE B 86 25.62 11.27 24.66
C PHE B 86 26.08 12.68 25.03
N MET B 87 25.23 13.40 25.74
CA MET B 87 25.51 14.77 26.18
C MET B 87 25.77 14.72 27.68
N ARG B 88 27.01 15.03 28.07
CA ARG B 88 27.52 14.66 29.38
C ARG B 88 27.81 15.89 30.23
N ARG B 89 27.29 15.90 31.45
CA ARG B 89 27.58 16.93 32.44
C ARG B 89 28.49 16.31 33.50
N ALA B 90 29.73 16.80 33.56
CA ALA B 90 30.72 16.17 34.42
C ALA B 90 30.28 16.19 35.88
N GLY B 91 30.72 15.19 36.63
CA GLY B 91 30.55 15.15 38.07
C GLY B 91 31.85 15.44 38.80
N ARG B 92 31.81 15.28 40.12
CA ARG B 92 33.01 15.50 40.91
C ARG B 92 34.07 14.44 40.62
N VAL B 93 33.65 13.20 40.44
CA VAL B 93 34.57 12.09 40.21
C VAL B 93 34.64 11.83 38.71
N ALA B 94 35.80 12.13 38.11
CA ALA B 94 35.89 12.19 36.65
C ALA B 94 35.60 10.86 35.97
N ASP B 95 35.98 9.74 36.58
CA ASP B 95 35.80 8.44 35.94
C ASP B 95 34.68 7.61 36.55
N ALA B 96 33.82 8.23 37.37
CA ALA B 96 32.66 7.51 37.90
C ALA B 96 31.69 7.19 36.77
N ALA B 97 30.95 6.09 36.94
CA ALA B 97 29.95 5.70 35.96
C ALA B 97 28.80 6.70 35.98
N PRO B 98 28.20 6.99 34.83
CA PRO B 98 27.17 8.04 34.79
C PRO B 98 25.79 7.55 35.20
N VAL B 99 25.01 8.50 35.68
CA VAL B 99 23.56 8.36 35.78
C VAL B 99 22.99 8.98 34.51
N VAL B 100 22.27 8.18 33.72
CA VAL B 100 21.87 8.61 32.39
C VAL B 100 20.36 8.71 32.31
N THR B 101 19.90 9.61 31.44
CA THR B 101 18.50 9.71 31.07
C THR B 101 18.45 9.99 29.58
N GLY B 102 17.25 9.99 29.03
CA GLY B 102 17.16 10.24 27.61
C GLY B 102 16.09 9.38 26.98
N SER B 103 15.93 9.53 25.67
CA SER B 103 14.82 8.92 24.97
C SER B 103 15.12 9.08 23.49
N HIS B 104 14.11 9.30 22.67
CA HIS B 104 14.32 9.37 21.23
C HIS B 104 13.77 10.68 20.69
N ALA B 105 14.41 11.18 19.64
CA ALA B 105 13.90 12.37 18.97
C ALA B 105 13.15 12.04 17.68
N ASP B 106 13.27 10.82 17.19
CA ASP B 106 12.56 10.44 15.98
C ASP B 106 11.09 10.16 16.32
N SER B 107 10.24 10.26 15.31
CA SER B 107 8.81 10.12 15.49
C SER B 107 8.22 9.14 14.50
N GLN B 108 6.95 8.84 14.71
CA GLN B 108 6.11 8.16 13.73
C GLN B 108 5.74 9.12 12.60
N PRO B 109 5.26 8.60 11.47
CA PRO B 109 4.71 9.50 10.43
C PRO B 109 3.52 10.31 10.93
N THR B 110 2.70 9.73 11.79
CA THR B 110 1.63 10.43 12.50
C THR B 110 2.04 10.73 13.93
N GLY B 111 3.25 11.26 14.11
CA GLY B 111 3.78 11.40 15.44
C GLY B 111 3.18 12.58 16.19
N GLY B 112 3.23 12.47 17.52
CA GLY B 112 2.86 13.59 18.38
C GLY B 112 4.06 14.40 18.80
N ARG B 113 3.78 15.50 19.47
CA ARG B 113 4.82 16.43 19.91
C ARG B 113 5.51 16.00 21.20
N PHE B 114 5.18 14.85 21.78
CA PHE B 114 5.71 14.51 23.10
C PHE B 114 6.39 13.14 23.19
N ASP B 115 5.91 12.16 22.44
CA ASP B 115 6.51 10.83 22.42
C ASP B 115 8.01 10.91 22.11
N GLY B 116 8.82 10.41 23.04
CA GLY B 116 10.27 10.45 22.90
C GLY B 116 10.90 11.78 23.21
N ILE B 117 10.49 12.83 22.50
CA ILE B 117 11.18 14.11 22.61
C ILE B 117 11.05 14.67 24.03
N TYR B 118 9.95 14.38 24.72
CA TYR B 118 9.79 14.85 26.09
C TYR B 118 10.91 14.32 26.99
N GLY B 119 11.25 13.05 26.86
CA GLY B 119 12.31 12.50 27.70
C GLY B 119 13.66 13.08 27.37
N VAL B 120 13.90 13.42 26.09
CA VAL B 120 15.16 14.08 25.73
C VAL B 120 15.20 15.49 26.31
N LEU B 121 14.14 16.26 26.08
CA LEU B 121 14.16 17.64 26.53
C LEU B 121 13.99 17.73 28.04
N GLY B 122 13.35 16.75 28.66
CA GLY B 122 13.34 16.68 30.11
C GLY B 122 14.74 16.47 30.66
N GLY B 123 15.53 15.62 30.01
CA GLY B 123 16.92 15.45 30.41
C GLY B 123 17.72 16.74 30.27
N LEU B 124 17.54 17.45 29.14
CA LEU B 124 18.19 18.75 28.98
C LEU B 124 17.77 19.71 30.08
N GLU B 125 16.49 19.70 30.46
CA GLU B 125 16.03 20.58 31.53
C GLU B 125 16.67 20.21 32.86
N VAL B 126 16.89 18.92 33.10
CA VAL B 126 17.61 18.51 34.30
C VAL B 126 19.00 19.12 34.32
N ILE B 127 19.71 19.04 33.19
CA ILE B 127 21.06 19.60 33.12
CA ILE B 127 21.06 19.60 33.10
C ILE B 127 21.03 21.10 33.39
N ARG B 128 20.11 21.82 32.75
CA ARG B 128 20.02 23.26 32.95
C ARG B 128 19.62 23.59 34.39
N SER B 129 18.76 22.78 35.00
CA SER B 129 18.37 23.03 36.38
C SER B 129 19.52 22.76 37.34
N LEU B 130 20.31 21.72 37.09
CA LEU B 130 21.51 21.53 37.89
C LEU B 130 22.44 22.73 37.74
N ASN B 131 22.52 23.31 36.53
CA ASN B 131 23.35 24.50 36.35
C ASN B 131 22.73 25.71 37.05
N ASP B 132 21.41 25.87 36.98
CA ASP B 132 20.76 26.99 37.64
C ASP B 132 21.03 26.98 39.14
N HIS B 133 21.00 25.80 39.75
CA HIS B 133 21.11 25.70 41.20
C HIS B 133 22.53 25.43 41.66
N GLY B 134 23.49 25.44 40.75
CA GLY B 134 24.88 25.27 41.13
C GLY B 134 25.17 23.93 41.78
N ILE B 135 24.53 22.87 41.31
CA ILE B 135 24.66 21.56 41.93
C ILE B 135 25.81 20.79 41.29
N GLU B 136 26.70 20.28 42.13
CA GLU B 136 27.72 19.34 41.70
C GLU B 136 27.27 17.93 42.09
N THR B 137 27.30 17.02 41.13
CA THR B 137 26.95 15.64 41.41
C THR B 137 28.22 14.82 41.58
N GLU B 138 28.10 13.72 42.33
CA GLU B 138 29.22 12.79 42.47
C GLU B 138 29.51 12.09 41.15
N HIS B 139 28.53 11.38 40.60
CA HIS B 139 28.62 10.77 39.28
C HIS B 139 28.32 11.81 38.20
N PRO B 140 28.94 11.69 37.03
CA PRO B 140 28.50 12.49 35.90
C PRO B 140 27.07 12.13 35.52
N VAL B 141 26.42 13.04 34.82
CA VAL B 141 25.05 12.89 34.35
C VAL B 141 25.05 13.04 32.84
N GLU B 142 24.31 12.17 32.16
CA GLU B 142 24.24 12.23 30.71
C GLU B 142 22.80 12.20 30.26
N VAL B 143 22.53 12.92 29.17
CA VAL B 143 21.28 12.86 28.44
CA VAL B 143 21.27 12.82 28.45
C VAL B 143 21.58 12.22 27.08
N VAL B 144 20.75 11.27 26.67
CA VAL B 144 21.02 10.45 25.50
C VAL B 144 19.87 10.60 24.52
N ILE B 145 20.20 10.66 23.23
CA ILE B 145 19.26 10.44 22.13
C ILE B 145 19.56 9.08 21.53
N TRP B 146 18.59 8.16 21.62
CA TRP B 146 18.75 6.83 21.04
C TRP B 146 18.20 6.80 19.61
N THR B 147 18.95 6.17 18.71
CA THR B 147 18.65 6.19 17.29
C THR B 147 17.45 5.30 16.95
N ASN B 148 16.55 5.81 16.08
CA ASN B 148 15.51 4.99 15.45
C ASN B 148 14.74 4.17 16.46
N GLU B 149 14.33 4.80 17.55
CA GLU B 149 13.63 4.04 18.57
C GLU B 149 12.29 3.50 18.07
N GLU B 150 11.64 4.21 17.14
CA GLU B 150 10.26 3.87 16.80
C GLU B 150 10.15 2.56 16.02
N GLY B 151 11.20 2.20 15.28
CA GLY B 151 11.14 1.00 14.46
C GLY B 151 10.16 1.06 13.31
N SER B 152 9.82 2.27 12.85
CA SER B 152 8.85 2.48 11.78
C SER B 152 9.52 2.53 10.41
N ARG B 153 10.52 3.40 10.27
CA ARG B 153 11.20 3.52 8.98
C ARG B 153 12.12 2.33 8.74
N PHE B 154 12.93 1.98 9.74
CA PHE B 154 13.71 0.75 9.76
C PHE B 154 13.23 -0.06 10.95
N ALA B 155 12.92 -1.33 10.74
CA ALA B 155 12.38 -2.16 11.82
C ALA B 155 13.41 -3.16 12.31
N PRO B 156 13.30 -3.63 13.56
CA PRO B 156 12.29 -3.26 14.55
C PRO B 156 12.65 -2.03 15.40
N ALA B 157 11.87 -1.83 16.45
CA ALA B 157 12.09 -0.70 17.35
C ALA B 157 13.30 -0.97 18.23
N MET B 158 13.82 0.11 18.83
CA MET B 158 14.75 0.06 19.94
C MET B 158 16.06 -0.65 19.58
N VAL B 159 16.43 -0.67 18.29
CA VAL B 159 17.59 -1.48 17.91
C VAL B 159 18.89 -0.83 18.38
N ALA B 160 18.95 0.49 18.43
CA ALA B 160 20.21 1.15 18.81
C ALA B 160 20.50 1.00 20.29
N SER B 161 19.49 1.09 21.15
CA SER B 161 19.72 0.78 22.55
C SER B 161 19.91 -0.73 22.73
N GLY B 162 19.32 -1.54 21.85
CA GLY B 162 19.59 -2.97 21.90
C GLY B 162 21.02 -3.31 21.59
N VAL B 163 21.62 -2.65 20.59
CA VAL B 163 23.04 -2.82 20.34
C VAL B 163 23.84 -2.38 21.57
N PHE B 164 23.50 -1.21 22.11
CA PHE B 164 24.21 -0.69 23.28
C PHE B 164 24.22 -1.72 24.41
N ALA B 165 23.06 -2.33 24.66
CA ALA B 165 22.88 -3.28 25.76
C ALA B 165 23.39 -4.68 25.44
N GLY B 166 23.96 -4.90 24.26
CA GLY B 166 24.53 -6.20 23.96
C GLY B 166 23.52 -7.23 23.51
N VAL B 167 22.32 -6.79 23.14
CA VAL B 167 21.28 -7.71 22.67
C VAL B 167 21.46 -8.05 21.20
N PHE B 168 21.82 -7.06 20.39
CA PHE B 168 22.04 -7.20 18.96
C PHE B 168 23.49 -6.87 18.60
N PRO B 169 24.10 -7.59 17.66
CA PRO B 169 25.41 -7.16 17.14
C PRO B 169 25.28 -5.85 16.40
N LEU B 170 26.37 -5.06 16.42
CA LEU B 170 26.37 -3.79 15.71
C LEU B 170 26.00 -3.96 14.24
N GLU B 171 26.53 -4.98 13.58
CA GLU B 171 26.27 -5.16 12.15
C GLU B 171 24.80 -5.43 11.86
N TYR B 172 24.06 -5.98 12.83
CA TYR B 172 22.61 -6.10 12.69
C TYR B 172 21.93 -4.75 12.74
N GLY B 173 22.29 -3.92 13.73
CA GLY B 173 21.75 -2.59 13.80
C GLY B 173 22.01 -1.78 12.54
N LEU B 174 23.24 -1.86 12.02
CA LEU B 174 23.58 -1.01 10.87
C LEU B 174 22.91 -1.48 9.59
N SER B 175 22.50 -2.74 9.51
CA SER B 175 22.00 -3.29 8.26
C SER B 175 20.47 -3.27 8.14
N ARG B 176 19.76 -2.77 9.16
CA ARG B 176 18.31 -2.64 9.04
C ARG B 176 17.96 -1.67 7.92
N LYS B 177 16.94 -2.02 7.13
CA LYS B 177 16.64 -1.35 5.86
C LYS B 177 15.27 -0.68 5.86
N ASP B 178 15.16 0.42 5.13
CA ASP B 178 13.84 1.04 4.97
C ASP B 178 13.20 0.52 3.68
N VAL B 179 12.01 1.03 3.35
CA VAL B 179 11.27 0.49 2.21
CA VAL B 179 11.25 0.54 2.21
C VAL B 179 11.99 0.78 0.90
N ASP B 180 12.93 1.73 0.89
CA ASP B 180 13.71 1.97 -0.32
C ASP B 180 15.03 1.22 -0.34
N GLY B 181 15.29 0.39 0.66
CA GLY B 181 16.52 -0.37 0.73
C GLY B 181 17.68 0.33 1.38
N LYS B 182 17.48 1.55 1.89
CA LYS B 182 18.55 2.27 2.57
CA LYS B 182 18.55 2.27 2.57
C LYS B 182 18.75 1.70 3.96
N THR B 183 20.00 1.58 4.38
CA THR B 183 20.32 1.02 5.69
C THR B 183 20.52 2.12 6.72
N ILE B 184 20.35 1.72 7.99
CA ILE B 184 20.68 2.62 9.10
C ILE B 184 22.13 3.10 8.97
N GLY B 185 23.05 2.18 8.67
CA GLY B 185 24.45 2.56 8.58
C GLY B 185 24.71 3.64 7.54
N GLU B 186 24.09 3.51 6.37
CA GLU B 186 24.35 4.54 5.35
C GLU B 186 23.65 5.85 5.68
N GLU B 187 22.47 5.79 6.30
CA GLU B 187 21.80 7.03 6.65
C GLU B 187 22.49 7.73 7.82
N LEU B 188 23.05 6.97 8.77
CA LEU B 188 23.88 7.59 9.80
C LEU B 188 25.02 8.37 9.16
N ALA B 189 25.77 7.73 8.27
CA ALA B 189 26.85 8.43 7.58
C ALA B 189 26.34 9.65 6.82
N ARG B 190 25.17 9.53 6.18
CA ARG B 190 24.68 10.62 5.34
C ARG B 190 24.34 11.86 6.17
N ILE B 191 23.78 11.70 7.37
CA ILE B 191 23.44 12.85 8.20
C ILE B 191 24.55 13.19 9.20
N GLY B 192 25.71 12.55 9.08
CA GLY B 192 26.83 12.91 9.91
C GLY B 192 26.76 12.42 11.34
N TYR B 193 26.01 11.35 11.62
CA TYR B 193 25.93 10.80 12.95
C TYR B 193 26.45 9.36 13.01
N ALA B 194 27.30 8.97 12.06
CA ALA B 194 28.06 7.73 12.18
C ALA B 194 29.24 8.02 13.10
N GLY B 195 29.00 7.89 14.41
CA GLY B 195 29.98 8.31 15.39
C GLY B 195 31.15 7.36 15.57
N ASP B 196 32.15 7.84 16.30
CA ASP B 196 33.39 7.09 16.54
C ASP B 196 33.38 6.33 17.86
N ALA B 197 32.45 6.62 18.77
CA ALA B 197 32.48 5.93 20.05
C ALA B 197 31.91 4.51 19.92
N PRO B 198 32.48 3.53 20.61
CA PRO B 198 31.87 2.19 20.61
C PRO B 198 30.44 2.26 21.11
N CYS B 199 29.56 1.46 20.48
CA CYS B 199 28.17 1.39 20.91
C CYS B 199 28.08 0.37 22.03
N GLY B 200 27.85 0.84 23.24
CA GLY B 200 27.82 0.00 24.42
C GLY B 200 29.21 -0.22 24.99
N GLY B 201 29.24 -0.86 26.16
CA GLY B 201 30.49 -1.16 26.82
C GLY B 201 30.68 -0.37 28.11
N ARG B 202 30.28 0.89 28.12
CA ARG B 202 30.43 1.71 29.30
C ARG B 202 29.46 1.26 30.39
N LYS B 203 29.99 1.07 31.60
CA LYS B 203 29.14 0.82 32.75
C LYS B 203 28.32 2.07 33.06
N LEU B 204 27.02 1.89 33.30
CA LEU B 204 26.16 2.97 33.72
C LEU B 204 25.78 2.75 35.18
N HIS B 205 25.83 3.82 35.98
CA HIS B 205 25.47 3.69 37.39
C HIS B 205 23.98 3.46 37.57
N ALA B 206 23.15 4.17 36.81
CA ALA B 206 21.70 3.99 36.81
C ALA B 206 21.14 4.75 35.62
N ALA B 207 19.92 4.40 35.24
CA ALA B 207 19.28 5.02 34.10
C ALA B 207 17.81 5.27 34.43
N PHE B 208 17.31 6.41 33.98
CA PHE B 208 15.89 6.72 34.10
C PHE B 208 15.40 7.31 32.78
N GLU B 209 14.19 6.92 32.37
CA GLU B 209 13.60 7.50 31.17
C GLU B 209 12.23 8.08 31.52
N LEU B 210 12.04 9.34 31.16
CA LEU B 210 10.78 10.05 31.31
C LEU B 210 10.00 9.97 30.01
N HIS B 211 8.71 9.64 30.09
CA HIS B 211 7.93 9.42 28.86
C HIS B 211 6.46 9.64 29.15
N ILE B 212 5.70 10.10 28.14
CA ILE B 212 4.25 10.11 28.33
C ILE B 212 3.72 8.68 28.36
N GLU B 213 2.57 8.50 29.01
CA GLU B 213 2.05 7.15 29.24
C GLU B 213 1.71 6.44 27.95
N GLN B 214 1.14 7.17 26.98
CA GLN B 214 0.64 6.68 25.70
C GLN B 214 -0.60 5.81 25.88
N GLY B 215 -1.19 5.85 27.07
CA GLY B 215 -2.45 5.19 27.33
C GLY B 215 -3.25 6.05 28.28
N PRO B 216 -4.48 5.63 28.58
CA PRO B 216 -5.45 6.52 29.25
C PRO B 216 -5.46 6.47 30.76
N ILE B 217 -4.65 5.62 31.40
CA ILE B 217 -4.90 5.26 32.80
C ILE B 217 -4.64 6.45 33.73
N LEU B 218 -3.45 7.06 33.62
CA LEU B 218 -3.10 8.10 34.58
C LEU B 218 -4.06 9.28 34.49
N GLU B 219 -4.41 9.69 33.27
CA GLU B 219 -5.40 10.75 33.12
C GLU B 219 -6.74 10.33 33.72
N ALA B 220 -7.20 9.11 33.40
CA ALA B 220 -8.53 8.70 33.87
C ALA B 220 -8.59 8.59 35.39
N GLU B 221 -7.48 8.27 36.04
CA GLU B 221 -7.48 8.06 37.47
C GLU B 221 -6.99 9.28 38.25
N LYS B 223 -4.11 10.81 38.26
CA LYS B 223 -2.81 10.62 38.88
C LYS B 223 -1.79 11.36 38.05
N THR B 224 -0.93 12.14 38.71
CA THR B 224 0.03 12.96 37.97
C THR B 224 1.21 12.15 37.49
N ILE B 225 1.65 11.17 38.26
CA ILE B 225 2.91 10.48 38.00
C ILE B 225 2.64 8.99 37.92
N GLY B 226 3.18 8.34 36.88
CA GLY B 226 3.20 6.89 36.81
C GLY B 226 4.55 6.38 37.25
N VAL B 227 4.57 5.64 38.36
CA VAL B 227 5.77 4.95 38.82
C VAL B 227 5.86 3.66 38.00
N VAL B 228 6.67 3.65 36.95
CA VAL B 228 6.72 2.52 36.04
C VAL B 228 7.51 1.39 36.70
N THR B 229 6.87 0.24 36.89
CA THR B 229 7.48 -0.91 37.55
C THR B 229 7.90 -2.00 36.59
N ASP B 230 7.26 -2.07 35.43
CA ASP B 230 7.44 -3.14 34.46
C ASP B 230 7.15 -2.59 33.08
N ALA B 231 7.63 -3.30 32.08
CA ALA B 231 7.28 -3.01 30.69
C ALA B 231 6.84 -4.31 30.04
N GLN B 232 5.72 -4.28 29.32
CA GLN B 232 5.19 -5.54 28.79
C GLN B 232 6.04 -6.03 27.62
N GLY B 233 5.87 -7.31 27.30
CA GLY B 233 6.64 -7.92 26.24
C GLY B 233 6.03 -7.68 24.87
N GLN B 234 6.83 -7.90 23.83
CA GLN B 234 6.37 -7.73 22.46
C GLN B 234 6.95 -8.81 21.56
N ARG B 235 6.19 -9.16 20.54
CA ARG B 235 6.66 -9.96 19.42
C ARG B 235 6.17 -9.28 18.15
N TRP B 236 7.08 -9.00 17.21
CA TRP B 236 6.72 -8.41 15.93
C TRP B 236 7.08 -9.38 14.81
N TYR B 237 6.27 -9.37 13.73
CA TYR B 237 6.41 -10.32 12.64
C TYR B 237 6.33 -9.61 11.30
N GLU B 238 6.95 -10.21 10.29
CA GLU B 238 6.73 -9.86 8.90
C GLU B 238 6.24 -11.09 8.17
N ILE B 239 5.17 -10.95 7.39
CA ILE B 239 4.57 -12.05 6.66
C ILE B 239 4.38 -11.63 5.22
N THR B 240 4.78 -12.48 4.29
CA THR B 240 4.45 -12.31 2.88
C THR B 240 3.68 -13.52 2.41
N PHE B 241 2.46 -13.30 1.92
CA PHE B 241 1.69 -14.32 1.22
C PHE B 241 1.95 -14.18 -0.27
N THR B 242 2.21 -15.29 -0.93
CA THR B 242 2.31 -15.30 -2.39
C THR B 242 1.22 -16.21 -2.95
N GLY B 243 0.36 -15.63 -3.79
CA GLY B 243 -0.59 -16.42 -4.55
C GLY B 243 -0.33 -16.31 -6.03
N GLN B 244 -1.33 -15.95 -6.82
CA GLN B 244 -1.13 -15.79 -8.25
C GLN B 244 -1.94 -14.61 -8.75
N GLU B 245 -1.27 -13.57 -9.26
CA GLU B 245 -2.04 -12.49 -9.87
CA GLU B 245 -2.00 -12.47 -9.90
C GLU B 245 -2.76 -13.00 -11.10
N ALA B 246 -3.98 -12.54 -11.28
CA ALA B 246 -4.80 -12.97 -12.40
C ALA B 246 -5.93 -11.97 -12.58
N HIS B 247 -6.71 -12.16 -13.65
CA HIS B 247 -7.73 -11.18 -13.99
C HIS B 247 -8.84 -11.17 -12.95
N ALA B 248 -9.25 -9.96 -12.55
CA ALA B 248 -10.35 -9.84 -11.58
C ALA B 248 -11.69 -10.31 -12.16
N GLY B 249 -11.82 -10.35 -13.49
CA GLY B 249 -13.02 -10.82 -14.13
C GLY B 249 -13.03 -12.32 -14.36
N PRO B 250 -12.61 -12.74 -15.57
CA PRO B 250 -12.83 -14.14 -15.98
C PRO B 250 -11.91 -15.18 -15.36
N THR B 251 -11.26 -14.88 -14.23
CA THR B 251 -10.62 -15.95 -13.46
C THR B 251 -11.67 -16.58 -12.57
N PRO B 252 -12.04 -17.85 -12.78
CA PRO B 252 -13.14 -18.43 -11.99
C PRO B 252 -12.87 -18.36 -10.50
N MET B 253 -13.87 -17.92 -9.74
CA MET B 253 -13.69 -17.68 -8.31
C MET B 253 -13.09 -18.85 -7.56
N PRO B 254 -13.50 -20.10 -7.80
CA PRO B 254 -12.99 -21.19 -6.95
C PRO B 254 -11.51 -21.50 -7.14
N ARG B 255 -10.92 -21.12 -8.27
CA ARG B 255 -9.51 -21.45 -8.51
C ARG B 255 -8.56 -20.29 -8.20
N ARG B 256 -9.07 -19.20 -7.66
CA ARG B 256 -8.21 -18.06 -7.38
C ARG B 256 -7.32 -18.32 -6.17
N ARG B 257 -6.13 -17.73 -6.20
CA ARG B 257 -5.19 -17.75 -5.08
CA ARG B 257 -5.19 -17.75 -5.08
C ARG B 257 -4.87 -16.29 -4.75
N ASP B 258 -5.78 -15.67 -4.01
CA ASP B 258 -5.79 -14.23 -3.76
C ASP B 258 -5.00 -13.93 -2.48
N ALA B 259 -3.84 -13.28 -2.62
CA ALA B 259 -3.00 -13.03 -1.46
C ALA B 259 -3.59 -11.97 -0.53
N LEU B 260 -4.43 -11.07 -1.05
CA LEU B 260 -5.05 -10.09 -0.18
C LEU B 260 -6.21 -10.69 0.59
N LEU B 261 -6.94 -11.62 -0.01
CA LEU B 261 -7.92 -12.37 0.76
C LEU B 261 -7.24 -13.06 1.95
N GLY B 262 -6.10 -13.68 1.71
CA GLY B 262 -5.38 -14.31 2.81
C GLY B 262 -4.94 -13.31 3.87
N ALA B 263 -4.27 -12.25 3.43
CA ALA B 263 -3.79 -11.23 4.37
C ALA B 263 -4.94 -10.62 5.17
N SER B 264 -6.07 -10.37 4.51
CA SER B 264 -7.22 -9.78 5.20
CA SER B 264 -7.21 -9.78 5.21
C SER B 264 -7.76 -10.71 6.28
N ARG B 265 -7.76 -12.01 6.00
CA ARG B 265 -8.19 -12.97 7.02
C ARG B 265 -7.23 -13.00 8.19
N VAL B 266 -5.93 -12.77 7.96
CA VAL B 266 -4.99 -12.71 9.07
C VAL B 266 -5.17 -11.43 9.88
N VAL B 267 -5.54 -10.31 9.23
CA VAL B 267 -5.82 -9.10 10.01
C VAL B 267 -6.93 -9.37 11.01
N ASP B 268 -7.98 -10.06 10.57
CA ASP B 268 -9.08 -10.39 11.47
C ASP B 268 -8.63 -11.40 12.53
N LEU B 269 -7.82 -12.38 12.14
CA LEU B 269 -7.30 -13.35 13.10
C LEU B 269 -6.44 -12.66 14.16
N VAL B 270 -5.57 -11.74 13.73
CA VAL B 270 -4.71 -11.02 14.68
C VAL B 270 -5.56 -10.30 15.72
N ASN B 271 -6.56 -9.56 15.26
CA ASN B 271 -7.48 -8.88 16.17
C ASN B 271 -8.14 -9.88 17.13
N ARG B 272 -8.62 -11.00 16.60
CA ARG B 272 -9.26 -12.01 17.43
C ARG B 272 -8.30 -12.56 18.48
N ILE B 273 -7.03 -12.78 18.11
CA ILE B 273 -6.05 -13.26 19.08
C ILE B 273 -5.85 -12.22 20.18
N GLY B 274 -5.79 -10.95 19.83
CA GLY B 274 -5.68 -9.92 20.85
C GLY B 274 -6.86 -9.94 21.81
N LEU B 275 -8.07 -10.04 21.26
CA LEU B 275 -9.26 -10.05 22.09
C LEU B 275 -9.38 -11.33 22.90
N ASP B 276 -8.84 -12.44 22.38
CA ASP B 276 -8.85 -13.69 23.14
C ASP B 276 -8.05 -13.61 24.42
N HIS B 277 -7.19 -12.60 24.57
CA HIS B 277 -6.40 -12.43 25.78
C HIS B 277 -6.67 -11.09 26.44
N ALA B 278 -7.96 -10.72 26.47
CA ALA B 278 -8.39 -9.51 27.15
C ALA B 278 -8.16 -9.66 28.66
N PRO B 279 -7.97 -8.54 29.38
CA PRO B 279 -7.99 -7.17 28.86
C PRO B 279 -6.63 -6.63 28.41
N TYR B 280 -5.53 -7.37 28.64
CA TYR B 280 -4.19 -6.82 28.42
C TYR B 280 -3.59 -7.17 27.07
N GLY B 281 -4.16 -8.12 26.32
CA GLY B 281 -3.59 -8.45 25.03
C GLY B 281 -3.67 -7.27 24.08
N CYS B 282 -2.60 -7.07 23.32
CA CYS B 282 -2.54 -6.07 22.24
C CYS B 282 -2.16 -6.78 20.95
N ALA B 283 -2.92 -6.52 19.88
CA ALA B 283 -2.64 -7.15 18.60
C ALA B 283 -3.06 -6.21 17.47
N THR B 284 -2.14 -6.00 16.51
CA THR B 284 -2.34 -5.01 15.46
C THR B 284 -1.64 -5.45 14.18
N VAL B 285 -2.29 -5.21 13.04
CA VAL B 285 -1.62 -5.17 11.75
C VAL B 285 -1.60 -3.70 11.32
N GLY B 286 -0.41 -3.10 11.30
CA GLY B 286 -0.32 -1.67 10.99
C GLY B 286 0.24 -1.36 9.62
N MET B 287 0.91 -2.33 9.01
CA MET B 287 1.58 -2.10 7.73
C MET B 287 1.22 -3.20 6.74
N MET B 288 0.90 -2.80 5.51
CA MET B 288 0.54 -3.75 4.47
C MET B 288 0.95 -3.17 3.13
N GLN B 289 1.47 -4.03 2.26
CA GLN B 289 1.85 -3.64 0.90
C GLN B 289 1.29 -4.68 -0.05
N VAL B 290 0.41 -4.26 -0.96
CA VAL B 290 -0.29 -5.15 -1.88
C VAL B 290 0.39 -5.09 -3.24
N HIS B 291 0.54 -6.24 -3.91
CA HIS B 291 1.17 -6.29 -5.23
CA HIS B 291 1.16 -6.28 -5.23
C HIS B 291 0.29 -7.09 -6.18
N PRO B 292 0.02 -6.59 -7.40
CA PRO B 292 0.54 -5.33 -7.94
C PRO B 292 -0.27 -4.10 -7.53
N ASN B 293 -1.34 -4.29 -6.75
CA ASN B 293 -2.17 -3.18 -6.24
C ASN B 293 -2.93 -2.49 -7.38
N SER B 294 -3.39 -3.28 -8.33
CA SER B 294 -4.21 -2.77 -9.43
C SER B 294 -5.63 -3.27 -9.25
N ARG B 295 -6.60 -2.37 -9.41
CA ARG B 295 -7.96 -2.68 -8.98
C ARG B 295 -8.57 -3.87 -9.73
N ASN B 296 -8.18 -4.11 -10.99
CA ASN B 296 -8.71 -5.25 -11.72
C ASN B 296 -7.69 -6.38 -11.88
N VAL B 297 -6.82 -6.54 -10.88
CA VAL B 297 -5.90 -7.68 -10.79
C VAL B 297 -6.03 -8.30 -9.41
N ILE B 298 -6.31 -9.60 -9.37
CA ILE B 298 -6.25 -10.33 -8.10
C ILE B 298 -4.87 -10.17 -7.50
N PRO B 299 -4.74 -9.73 -6.25
CA PRO B 299 -3.40 -9.54 -5.67
C PRO B 299 -2.60 -10.84 -5.60
N GLY B 300 -1.37 -10.79 -6.10
CA GLY B 300 -0.55 -11.99 -6.14
C GLY B 300 0.46 -12.07 -5.01
N ARG B 301 0.69 -10.96 -4.34
CA ARG B 301 1.62 -10.95 -3.22
CA ARG B 301 1.64 -10.93 -3.24
C ARG B 301 1.24 -9.83 -2.27
N VAL B 302 1.26 -10.13 -0.97
CA VAL B 302 0.95 -9.14 0.05
C VAL B 302 1.95 -9.30 1.19
N PHE B 303 2.63 -8.21 1.54
CA PHE B 303 3.47 -8.12 2.72
C PHE B 303 2.68 -7.41 3.82
N PHE B 304 2.76 -7.91 5.04
CA PHE B 304 2.14 -7.18 6.14
C PHE B 304 2.86 -7.53 7.43
N THR B 305 2.58 -6.74 8.46
CA THR B 305 3.26 -6.88 9.74
C THR B 305 2.27 -7.32 10.81
N VAL B 306 2.79 -7.95 11.86
CA VAL B 306 1.99 -8.29 13.03
C VAL B 306 2.70 -7.76 14.26
N ASP B 307 1.94 -7.14 15.15
CA ASP B 307 2.41 -6.58 16.40
C ASP B 307 1.60 -7.24 17.51
N PHE B 308 2.26 -8.04 18.37
CA PHE B 308 1.65 -8.68 19.54
C PHE B 308 2.30 -8.17 20.81
N ARG B 309 1.50 -7.90 21.85
CA ARG B 309 2.07 -7.54 23.15
C ARG B 309 1.21 -8.10 24.26
N HIS B 310 1.85 -8.44 25.38
CA HIS B 310 1.15 -8.83 26.60
C HIS B 310 2.11 -8.72 27.77
N PRO B 311 1.63 -8.37 28.97
CA PRO B 311 2.53 -8.32 30.13
C PRO B 311 3.00 -9.68 30.65
N ASP B 312 2.43 -10.79 30.17
CA ASP B 312 2.81 -12.11 30.63
CA ASP B 312 2.77 -12.14 30.63
C ASP B 312 3.43 -12.87 29.48
N ASP B 313 4.67 -13.34 29.68
CA ASP B 313 5.41 -13.98 28.60
C ASP B 313 4.70 -15.24 28.10
N ALA B 314 4.09 -16.00 29.01
CA ALA B 314 3.45 -17.23 28.57
C ALA B 314 2.23 -16.93 27.70
N VAL B 315 1.49 -15.88 28.03
CA VAL B 315 0.34 -15.48 27.20
C VAL B 315 0.82 -15.01 25.84
N LEU B 316 1.89 -14.20 25.81
CA LEU B 316 2.43 -13.73 24.56
C LEU B 316 2.91 -14.89 23.69
N ALA B 317 3.42 -15.96 24.32
CA ALA B 317 3.79 -17.16 23.58
C ALA B 317 2.56 -17.88 23.04
N LYS B 318 1.45 -17.88 23.79
CA LYS B 318 0.21 -18.45 23.25
C LYS B 318 -0.26 -17.68 22.04
N MET B 319 -0.13 -16.35 22.07
CA MET B 319 -0.50 -15.54 20.92
C MET B 319 0.35 -15.91 19.71
N ASP B 320 1.65 -16.12 19.92
CA ASP B 320 2.54 -16.52 18.84
C ASP B 320 2.08 -17.82 18.20
N ALA B 321 1.74 -18.82 19.04
CA ALA B 321 1.34 -20.12 18.52
C ALA B 321 0.03 -20.03 17.75
N ALA B 322 -0.92 -19.24 18.26
CA ALA B 322 -2.20 -19.11 17.58
C ALA B 322 -2.04 -18.40 16.24
N LEU B 323 -1.13 -17.45 16.16
CA LEU B 323 -0.87 -16.78 14.89
C LEU B 323 -0.26 -17.75 13.88
N ARG B 324 0.75 -18.51 14.30
CA ARG B 324 1.43 -19.40 13.35
C ARG B 324 0.47 -20.49 12.86
N ASP B 325 -0.34 -21.03 13.76
CA ASP B 325 -1.33 -22.03 13.37
CA ASP B 325 -1.32 -22.04 13.37
C ASP B 325 -2.38 -21.44 12.44
N GLY B 326 -2.90 -20.27 12.79
CA GLY B 326 -3.95 -19.67 11.99
C GLY B 326 -3.47 -19.22 10.64
N VAL B 327 -2.24 -18.68 10.59
CA VAL B 327 -1.68 -18.28 9.30
C VAL B 327 -1.55 -19.49 8.37
N ALA B 328 -1.01 -20.59 8.89
CA ALA B 328 -0.85 -21.79 8.08
C ALA B 328 -2.20 -22.31 7.59
N ARG B 329 -3.22 -22.27 8.44
CA ARG B 329 -4.54 -22.74 8.03
C ARG B 329 -5.13 -21.84 6.95
N ILE B 330 -4.99 -20.53 7.10
CA ILE B 330 -5.52 -19.60 6.10
C ILE B 330 -4.81 -19.79 4.77
N ALA B 331 -3.48 -19.96 4.82
CA ALA B 331 -2.72 -20.15 3.59
C ALA B 331 -3.07 -21.47 2.92
N ALA B 332 -3.28 -22.52 3.71
CA ALA B 332 -3.58 -23.81 3.14
C ALA B 332 -4.96 -23.84 2.50
N ASP B 333 -5.92 -23.09 3.05
CA ASP B 333 -7.26 -23.06 2.49
CA ASP B 333 -7.26 -23.07 2.49
C ASP B 333 -7.29 -22.37 1.14
N ILE B 334 -6.49 -21.31 0.98
CA ILE B 334 -6.50 -20.53 -0.24
C ILE B 334 -5.52 -21.10 -1.27
N GLY B 335 -4.38 -21.59 -0.80
CA GLY B 335 -3.34 -22.09 -1.67
C GLY B 335 -2.21 -21.08 -1.81
N LEU B 336 -1.89 -20.41 -0.71
CA LEU B 336 -0.85 -19.39 -0.68
C LEU B 336 0.46 -19.93 -0.10
N ASP B 337 1.57 -19.42 -0.62
CA ASP B 337 2.87 -19.66 -0.01
C ASP B 337 3.09 -18.61 1.08
N THR B 338 3.70 -19.03 2.18
CA THR B 338 3.88 -18.16 3.34
C THR B 338 5.35 -17.99 3.67
N ALA B 339 5.78 -16.74 3.79
CA ALA B 339 7.05 -16.39 4.42
C ALA B 339 6.68 -15.67 5.70
N LEU B 340 6.99 -16.27 6.85
CA LEU B 340 6.66 -15.67 8.14
C LEU B 340 7.93 -15.63 8.96
N GLU B 341 8.28 -14.44 9.44
CA GLU B 341 9.46 -14.28 10.29
C GLU B 341 9.06 -13.47 11.52
N GLN B 342 9.42 -13.95 12.70
CA GLN B 342 9.38 -13.09 13.88
C GLN B 342 10.64 -12.24 13.86
N ILE B 343 10.49 -10.92 13.66
CA ILE B 343 11.65 -10.06 13.52
C ILE B 343 12.03 -9.36 14.82
N PHE B 344 11.23 -9.50 15.87
CA PHE B 344 11.44 -8.76 17.11
C PHE B 344 10.78 -9.52 18.25
N TYR B 345 11.49 -9.67 19.36
CA TYR B 345 10.91 -10.24 20.57
C TYR B 345 11.73 -9.81 21.77
N TYR B 346 11.06 -9.30 22.80
CA TYR B 346 11.65 -9.25 24.13
C TYR B 346 10.59 -9.60 25.16
N ALA B 347 11.02 -10.25 26.23
CA ALA B 347 10.11 -10.68 27.27
C ALA B 347 9.72 -9.49 28.13
N PRO B 348 8.55 -9.56 28.81
CA PRO B 348 8.24 -8.54 29.81
C PRO B 348 9.38 -8.39 30.78
N ILE B 349 9.64 -7.16 31.22
CA ILE B 349 10.79 -6.89 32.07
C ILE B 349 10.38 -6.04 33.26
N ALA B 350 10.90 -6.39 34.42
CA ALA B 350 10.67 -5.65 35.65
C ALA B 350 11.81 -4.67 35.84
N PHE B 351 11.49 -3.41 36.12
CA PHE B 351 12.52 -2.41 36.32
C PHE B 351 13.15 -2.57 37.71
N ASP B 352 14.30 -1.91 37.90
CA ASP B 352 15.08 -2.06 39.12
C ASP B 352 14.34 -1.51 40.33
N SER B 353 14.27 -2.30 41.40
CA SER B 353 13.45 -1.92 42.55
CA SER B 353 13.45 -1.92 42.55
C SER B 353 13.93 -0.62 43.21
N ALA B 354 15.25 -0.43 43.29
CA ALA B 354 15.74 0.81 43.90
C ALA B 354 15.47 2.01 43.01
N CYS B 355 15.55 1.86 41.68
CA CYS B 355 15.19 2.96 40.81
C CYS B 355 13.71 3.28 40.91
N VAL B 356 12.87 2.23 40.96
CA VAL B 356 11.43 2.42 41.14
C VAL B 356 11.16 3.18 42.43
N ALA B 357 11.83 2.80 43.52
CA ALA B 357 11.64 3.48 44.79
C ALA B 357 12.10 4.94 44.72
N ALA B 358 13.16 5.22 43.95
CA ALA B 358 13.62 6.59 43.83
C ALA B 358 12.58 7.45 43.10
N VAL B 359 11.99 6.91 42.04
CA VAL B 359 10.94 7.64 41.34
C VAL B 359 9.76 7.90 42.27
N ARG B 360 9.36 6.88 43.04
CA ARG B 360 8.24 7.06 43.95
C ARG B 360 8.55 8.11 45.00
N ALA B 361 9.76 8.10 45.55
CA ALA B 361 10.15 9.08 46.56
C ALA B 361 10.19 10.49 45.99
N ALA B 362 10.59 10.64 44.72
CA ALA B 362 10.60 11.95 44.09
C ALA B 362 9.17 12.47 43.92
N ALA B 363 8.26 11.60 43.47
CA ALA B 363 6.86 11.99 43.42
C ALA B 363 6.38 12.50 44.78
N ASP B 364 6.64 11.71 45.83
CA ASP B 364 6.19 12.10 47.17
C ASP B 364 6.86 13.37 47.67
N ARG B 365 8.11 13.61 47.27
CA ARG B 365 8.80 14.84 47.67
C ARG B 365 8.00 16.08 47.27
N PHE B 366 7.38 16.05 46.10
CA PHE B 366 6.61 17.16 45.58
C PHE B 366 5.12 17.06 45.88
N GLY B 367 4.68 15.99 46.55
CA GLY B 367 3.26 15.85 46.83
C GLY B 367 2.42 15.47 45.63
N TYR B 368 3.06 14.99 44.56
CA TYR B 368 2.33 14.58 43.37
C TYR B 368 1.58 13.28 43.64
N SER B 369 0.35 13.18 43.12
CA SER B 369 -0.35 11.91 43.15
C SER B 369 0.34 10.94 42.20
N HIS B 370 0.27 9.64 42.51
CA HIS B 370 0.95 8.66 41.66
C HIS B 370 0.33 7.29 41.85
N ARG B 371 0.62 6.40 40.90
CA ARG B 371 0.31 4.98 41.06
C ARG B 371 1.34 4.19 40.27
N ASP B 372 1.55 2.95 40.68
CA ASP B 372 2.38 2.04 39.91
C ASP B 372 1.70 1.72 38.58
N ILE B 373 2.50 1.54 37.53
CA ILE B 373 1.96 1.31 36.21
C ILE B 373 2.94 0.49 35.38
N VAL B 374 2.40 -0.28 34.44
CA VAL B 374 3.18 -1.10 33.53
C VAL B 374 3.19 -0.42 32.17
N SER B 375 4.38 -0.29 31.57
CA SER B 375 4.46 0.37 30.27
C SER B 375 3.90 -0.52 29.18
N GLY B 376 2.94 0.01 28.42
CA GLY B 376 2.39 -0.71 27.27
C GLY B 376 3.23 -0.60 26.02
N ALA B 377 4.06 0.43 25.93
CA ALA B 377 4.96 0.60 24.80
C ALA B 377 6.35 0.11 25.16
N GLY B 378 7.16 -0.08 24.13
CA GLY B 378 8.57 -0.29 24.32
C GLY B 378 9.30 1.04 24.40
N HIS B 379 10.43 1.04 25.11
CA HIS B 379 11.28 2.20 25.28
C HIS B 379 12.72 1.72 25.34
N ASP B 380 13.63 2.63 25.03
CA ASP B 380 15.05 2.28 25.14
C ASP B 380 15.40 1.82 26.56
N ALA B 381 14.68 2.34 27.56
CA ALA B 381 14.95 1.93 28.94
C ALA B 381 14.73 0.44 29.13
N CYS B 382 13.87 -0.19 28.31
CA CYS B 382 13.64 -1.62 28.40
C CYS B 382 14.92 -2.41 28.17
N TYR B 383 15.74 -1.95 27.22
CA TYR B 383 17.03 -2.60 26.97
C TYR B 383 18.09 -2.13 27.95
N LEU B 384 18.08 -0.86 28.35
CA LEU B 384 19.05 -0.42 29.35
C LEU B 384 18.91 -1.20 30.66
N ALA B 385 17.67 -1.60 31.00
CA ALA B 385 17.43 -2.38 32.21
C ALA B 385 18.22 -3.68 32.23
N GLN B 386 18.61 -4.21 31.08
CA GLN B 386 19.41 -5.43 31.06
C GLN B 386 20.86 -5.21 31.48
N VAL B 387 21.36 -3.99 31.42
CA VAL B 387 22.77 -3.73 31.70
C VAL B 387 22.99 -2.74 32.85
N ALA B 388 21.95 -2.09 33.36
CA ALA B 388 22.15 -1.16 34.46
C ALA B 388 20.85 -1.07 35.25
N PRO B 389 20.90 -0.66 36.51
CA PRO B 389 19.65 -0.39 37.24
C PRO B 389 18.90 0.73 36.54
N THR B 390 17.65 0.45 36.17
CA THR B 390 16.86 1.31 35.29
C THR B 390 15.41 1.32 35.76
N SER B 391 14.75 2.48 35.65
CA SER B 391 13.29 2.51 35.68
C SER B 391 12.81 3.73 34.91
N MET B 392 11.50 3.96 34.93
CA MET B 392 10.89 5.00 34.12
C MET B 392 9.94 5.85 34.95
N VAL B 393 9.75 7.08 34.47
CA VAL B 393 8.74 8.01 34.96
C VAL B 393 7.73 8.26 33.84
N PHE B 394 6.46 8.02 34.12
CA PHE B 394 5.37 8.39 33.22
C PHE B 394 4.65 9.65 33.69
N VAL B 395 4.13 10.40 32.73
CA VAL B 395 3.08 11.38 32.99
C VAL B 395 1.91 11.01 32.10
N PRO B 396 0.72 11.53 32.36
CA PRO B 396 -0.44 11.17 31.54
C PRO B 396 -0.33 11.82 30.17
N CYS B 397 -1.24 11.42 29.28
CA CYS B 397 -1.44 12.15 28.03
C CYS B 397 -2.92 12.22 27.74
N ILE B 398 -3.32 13.26 27.01
CA ILE B 398 -4.72 13.63 26.86
C ILE B 398 -5.45 12.54 26.09
N ASP B 399 -6.51 12.01 26.69
CA ASP B 399 -7.31 10.93 26.12
C ASP B 399 -6.50 9.67 25.88
N GLY B 400 -5.30 9.60 26.46
CA GLY B 400 -4.44 8.44 26.31
C GLY B 400 -3.96 8.19 24.90
N ILE B 401 -3.99 9.21 24.03
CA ILE B 401 -3.70 9.06 22.61
CA ILE B 401 -3.68 8.98 22.63
C ILE B 401 -2.20 9.24 22.37
N SER B 402 -1.60 8.33 21.60
CA SER B 402 -0.23 8.52 21.11
C SER B 402 -0.17 7.93 19.71
N HIS B 403 0.91 8.23 18.97
CA HIS B 403 1.06 7.84 17.57
C HIS B 403 -0.07 8.39 16.71
N ASN B 404 -0.56 9.54 17.15
CA ASN B 404 -1.52 10.36 16.44
C ASN B 404 -1.06 11.79 16.61
N GLU B 405 -1.28 12.62 15.59
CA GLU B 405 -0.77 13.98 15.64
C GLU B 405 -1.44 14.82 16.73
N ILE B 406 -2.60 14.39 17.26
CA ILE B 406 -3.26 15.14 18.32
C ILE B 406 -2.76 14.78 19.70
N GLU B 407 -1.76 13.91 19.81
CA GLU B 407 -1.11 13.61 21.09
C GLU B 407 -0.84 14.90 21.86
N ASP B 408 -1.18 14.90 23.16
CA ASP B 408 -1.07 16.14 23.91
C ASP B 408 -0.87 15.85 25.39
N ALA B 409 -0.29 16.85 26.09
CA ALA B 409 -0.07 16.78 27.52
C ALA B 409 -0.15 18.20 28.06
N THR B 410 -0.56 18.33 29.35
CA THR B 410 -0.66 19.67 29.93
C THR B 410 0.71 20.16 30.38
N PRO B 411 0.91 21.48 30.44
CA PRO B 411 2.14 21.99 31.05
C PRO B 411 2.37 21.48 32.46
N ALA B 412 1.30 21.33 33.25
CA ALA B 412 1.45 20.81 34.60
C ALA B 412 2.05 19.41 34.59
N TRP B 413 1.55 18.54 33.71
CA TRP B 413 2.08 17.19 33.63
C TRP B 413 3.54 17.19 33.18
N ILE B 414 3.86 18.00 32.17
CA ILE B 414 5.23 18.03 31.65
C ILE B 414 6.21 18.48 32.73
N GLU B 415 5.86 19.53 33.46
CA GLU B 415 6.74 20.02 34.52
C GLU B 415 6.87 19.01 35.65
N ALA B 416 5.76 18.37 36.04
CA ALA B 416 5.80 17.44 37.17
C ALA B 416 6.69 16.24 36.88
N GLY B 417 6.58 15.66 35.69
CA GLY B 417 7.43 14.53 35.37
C GLY B 417 8.90 14.89 35.39
N ALA B 418 9.24 16.10 34.95
CA ALA B 418 10.62 16.53 34.93
C ALA B 418 11.16 16.74 36.34
N ASN B 419 10.34 17.26 37.25
CA ASN B 419 10.77 17.39 38.64
C ASN B 419 11.05 16.03 39.25
N VAL B 420 10.21 15.04 38.94
CA VAL B 420 10.43 13.69 39.45
C VAL B 420 11.70 13.10 38.85
N LEU B 421 11.90 13.28 37.54
CA LEU B 421 13.14 12.82 36.91
C LEU B 421 14.36 13.49 37.53
N LEU B 422 14.28 14.81 37.78
CA LEU B 422 15.41 15.54 38.35
C LEU B 422 15.83 14.92 39.68
N HIS B 423 14.88 14.67 40.57
CA HIS B 423 15.26 14.21 41.89
C HIS B 423 15.57 12.72 41.93
N ALA B 424 14.95 11.91 41.07
CA ALA B 424 15.35 10.51 40.98
C ALA B 424 16.77 10.40 40.46
N MET B 425 17.14 11.23 39.46
CA MET B 425 18.51 11.23 38.99
C MET B 425 19.46 11.75 40.06
N LEU B 426 19.13 12.89 40.68
CA LEU B 426 19.96 13.44 41.74
C LEU B 426 20.18 12.42 42.85
N SER B 427 19.12 11.73 43.26
CA SER B 427 19.24 10.72 44.31
C SER B 427 20.33 9.71 43.99
N ARG B 428 20.44 9.31 42.73
CA ARG B 428 21.45 8.31 42.38
C ARG B 428 22.79 8.94 42.00
N ALA B 429 22.77 10.13 41.39
CA ALA B 429 24.01 10.76 40.96
C ALA B 429 24.82 11.32 42.12
N CYS B 430 24.21 11.52 43.28
CA CYS B 430 24.92 12.02 44.45
C CYS B 430 25.32 10.91 45.42
N GLU B 431 25.13 9.66 45.05
CA GLU B 431 25.66 8.56 45.85
C GLU B 431 27.19 8.58 45.78
N PRO B 432 27.89 8.54 46.91
CA PRO B 432 29.36 8.57 46.87
C PRO B 432 29.90 7.35 46.13
N VAL B 433 30.99 7.55 45.39
CA VAL B 433 31.53 6.50 44.55
C VAL B 433 32.30 5.48 45.37
#